data_3DWG
#
_entry.id   3DWG
#
_cell.length_a   55.810
_cell.length_b   80.426
_cell.length_c   89.619
_cell.angle_alpha   90.00
_cell.angle_beta   105.74
_cell.angle_gamma   90.00
#
_symmetry.space_group_name_H-M   'P 1 21 1'
#
loop_
_entity.id
_entity.type
_entity.pdbx_description
1 polymer 'Cysteine synthase B'
2 polymer '9.5 kDa culture filtrate antigen cfp10A'
3 non-polymer "PYRIDOXAL-5'-PHOSPHATE"
4 water water
#
loop_
_entity_poly.entity_id
_entity_poly.type
_entity_poly.pdbx_seq_one_letter_code
_entity_poly.pdbx_strand_id
1 'polypeptide(L)'
;RHMTRYDSLLQALGNTPLVGLQRLSPRWDDGRDGPHVRLWAKLEDRNPTGSIKDRPAVRMIEQAEADGLLRPGATILEPT
SGNTGISLAMAARLKGYRLICVMPENTSVERRQLLELYGAQIIFSAAEGGSNTAVATAKELAATNPSWVMLYQYGNPANT
DSHYCGTGPELLADLPEITHFVAGLGTTGTLMGTGRFLREHVANVKIVAAEPRYGEGVYALRNMDEGFVPELYDPEILTA
RYSVGAVDAVRRTRELVHTEGIFAGISTGAVLHAALGVGAGALAAGERADIALVVADAGWKYLSTGAYAGSLDDAETALE
GQLWA
;
A,B
2 'polypeptide(L)'
;MNVTVSIPTILRPHTGGQKSVSASGDTLGAVISDLEANYSGISERLMDPSSPGKLHRFVNIYVNDEDVRFSGGLATAIAD
GDSVTILPAVAGG
;
C
#
loop_
_chem_comp.id
_chem_comp.type
_chem_comp.name
_chem_comp.formula
PLP non-polymer PYRIDOXAL-5'-PHOSPHATE 'C8 H10 N O6 P'
#
# COMPACT_ATOMS: atom_id res chain seq x y z
N ARG A 1 -4.24 -18.84 7.40
CA ARG A 1 -2.76 -19.00 7.13
C ARG A 1 -2.53 -20.13 6.14
N HIS A 2 -1.54 -19.97 5.25
CA HIS A 2 -1.19 -21.00 4.24
C HIS A 2 -2.33 -21.34 3.29
N MET A 3 -3.18 -20.37 3.01
CA MET A 3 -4.26 -20.59 2.07
C MET A 3 -4.12 -19.61 0.94
N THR A 4 -4.61 -20.00 -0.24
CA THR A 4 -4.60 -19.10 -1.41
C THR A 4 -5.98 -18.96 -2.03
N ARG A 5 -6.92 -19.89 -1.78
CA ARG A 5 -8.31 -19.67 -2.25
C ARG A 5 -9.20 -19.28 -1.12
N TYR A 6 -10.01 -18.24 -1.32
CA TYR A 6 -10.93 -17.73 -0.32
C TYR A 6 -12.29 -17.48 -0.91
N ASP A 7 -13.35 -17.55 -0.08
CA ASP A 7 -14.68 -17.41 -0.63
C ASP A 7 -15.10 -15.97 -0.75
N SER A 8 -14.25 -15.02 -0.33
CA SER A 8 -14.61 -13.61 -0.43
C SER A 8 -13.38 -12.75 -0.09
N LEU A 9 -13.42 -11.47 -0.48
CA LEU A 9 -12.26 -10.57 -0.27
C LEU A 9 -12.00 -10.41 1.24
N LEU A 10 -13.07 -10.26 2.02
CA LEU A 10 -12.88 -10.06 3.48
C LEU A 10 -12.29 -11.30 4.12
N GLN A 11 -12.58 -12.46 3.58
CA GLN A 11 -12.00 -13.68 4.15
C GLN A 11 -10.49 -13.82 3.96
N ALA A 12 -9.95 -13.07 2.99
CA ALA A 12 -8.53 -13.08 2.65
C ALA A 12 -7.72 -12.12 3.49
N LEU A 13 -8.38 -11.43 4.39
CA LEU A 13 -7.75 -10.45 5.30
C LEU A 13 -6.48 -10.99 5.97
N GLY A 14 -5.45 -10.16 6.05
CA GLY A 14 -4.29 -10.54 6.90
C GLY A 14 -3.45 -11.64 6.28
N ASN A 15 -2.74 -12.40 7.12
CA ASN A 15 -1.76 -13.35 6.66
C ASN A 15 -0.82 -12.78 5.58
N THR A 16 -0.36 -11.55 5.87
CA THR A 16 0.51 -10.81 4.95
C THR A 16 1.95 -11.32 4.95
N PRO A 17 2.63 -11.08 3.86
CA PRO A 17 4.04 -11.54 3.75
C PRO A 17 4.99 -10.78 4.64
N LEU A 18 6.06 -11.48 5.04
CA LEU A 18 7.15 -10.86 5.79
C LEU A 18 8.36 -11.02 4.86
N VAL A 19 8.96 -9.94 4.43
CA VAL A 19 10.00 -9.96 3.40
C VAL A 19 11.31 -9.36 3.95
N GLY A 20 12.39 -10.16 3.89
CA GLY A 20 13.73 -9.64 4.27
C GLY A 20 14.23 -8.52 3.38
N LEU A 21 14.93 -7.56 3.99
CA LEU A 21 15.50 -6.41 3.29
C LEU A 21 17.01 -6.60 3.29
N GLN A 22 17.46 -7.47 2.40
CA GLN A 22 18.88 -7.86 2.46
C GLN A 22 19.83 -6.71 2.25
N ARG A 23 19.43 -5.73 1.43
CA ARG A 23 20.32 -4.62 1.06
C ARG A 23 20.28 -3.51 2.07
N LEU A 24 19.10 -3.23 2.59
CA LEU A 24 18.99 -2.21 3.62
C LEU A 24 19.41 -2.65 5.03
N SER A 25 19.36 -3.94 5.31
CA SER A 25 19.73 -4.41 6.64
C SER A 25 21.18 -3.95 6.93
N PRO A 26 21.43 -3.50 8.17
CA PRO A 26 22.83 -3.20 8.60
C PRO A 26 23.76 -4.39 8.43
N ARG A 27 23.30 -5.62 8.69
CA ARG A 27 24.12 -6.78 8.33
C ARG A 27 23.32 -8.02 8.13
N TRP A 28 23.09 -8.42 6.89
CA TRP A 28 22.26 -9.61 6.64
C TRP A 28 22.77 -10.96 7.20
N ASP A 29 24.04 -11.32 6.99
CA ASP A 29 24.53 -12.59 7.62
C ASP A 29 25.58 -12.35 8.69
N ASP A 30 25.61 -13.25 9.68
CA ASP A 30 26.68 -13.30 10.66
C ASP A 30 28.01 -13.27 9.89
N GLY A 31 28.91 -12.38 10.29
CA GLY A 31 30.24 -12.32 9.73
C GLY A 31 31.29 -12.33 10.83
N ARG A 32 32.54 -12.27 10.39
CA ARG A 32 33.67 -12.20 11.30
C ARG A 32 33.59 -10.96 12.19
N ASP A 33 32.86 -9.94 11.71
CA ASP A 33 32.71 -8.68 12.44
C ASP A 33 31.58 -8.66 13.46
N GLY A 34 30.78 -9.72 13.49
CA GLY A 34 29.72 -9.81 14.49
C GLY A 34 28.44 -10.40 13.93
N PRO A 35 27.42 -10.51 14.78
CA PRO A 35 26.19 -11.19 14.35
C PRO A 35 25.33 -10.29 13.39
N HIS A 36 24.41 -10.96 12.71
CA HIS A 36 23.50 -10.23 11.81
C HIS A 36 22.61 -9.23 12.52
N VAL A 37 22.17 -8.24 11.73
CA VAL A 37 21.20 -7.24 12.15
C VAL A 37 20.30 -7.09 10.90
N ARG A 38 19.19 -7.81 10.96
CA ARG A 38 18.26 -8.00 9.82
C ARG A 38 17.03 -7.11 10.00
N LEU A 39 16.62 -6.50 8.88
CA LEU A 39 15.27 -5.85 8.81
C LEU A 39 14.32 -6.74 8.01
N TRP A 40 13.07 -6.87 8.50
CA TRP A 40 12.03 -7.68 7.86
C TRP A 40 10.83 -6.80 7.70
N ALA A 41 10.24 -6.75 6.48
CA ALA A 41 9.10 -5.83 6.27
C ALA A 41 7.83 -6.65 6.18
N LYS A 42 6.86 -6.26 7.03
CA LYS A 42 5.55 -6.89 7.01
C LYS A 42 4.63 -6.06 6.07
N LEU A 43 4.20 -6.71 4.98
CA LEU A 43 3.55 -5.96 3.88
C LEU A 43 2.03 -5.85 4.10
N GLU A 44 1.64 -4.88 4.91
CA GLU A 44 0.21 -4.73 5.24
C GLU A 44 -0.61 -4.05 4.17
N ASP A 45 0.06 -3.64 3.11
CA ASP A 45 -0.66 -3.17 1.90
C ASP A 45 -1.35 -4.36 1.17
N ARG A 46 -1.04 -5.59 1.54
CA ARG A 46 -1.59 -6.79 0.89
C ARG A 46 -2.81 -7.22 1.69
N ASN A 47 -3.71 -6.30 1.77
CA ASN A 47 -4.96 -6.40 2.54
C ASN A 47 -6.04 -5.87 1.59
N PRO A 48 -7.31 -6.25 1.88
CA PRO A 48 -8.42 -5.92 0.98
C PRO A 48 -8.43 -4.52 0.34
N THR A 49 -8.26 -3.46 1.15
CA THR A 49 -8.30 -2.10 0.59
C THR A 49 -6.93 -1.46 0.52
N GLY A 50 -5.89 -2.28 0.83
CA GLY A 50 -4.51 -1.79 0.64
C GLY A 50 -3.88 -1.10 1.88
N SER A 51 -4.41 -1.39 3.06
CA SER A 51 -3.72 -0.93 4.28
C SER A 51 -4.01 -1.80 5.45
N ILE A 52 -3.17 -1.57 6.46
CA ILE A 52 -3.25 -2.34 7.73
C ILE A 52 -4.62 -2.12 8.37
N LYS A 53 -5.29 -1.01 8.03
CA LYS A 53 -6.53 -0.66 8.75
C LYS A 53 -7.65 -1.62 8.46
N ASP A 54 -7.49 -2.44 7.44
CA ASP A 54 -8.55 -3.48 7.23
C ASP A 54 -8.69 -4.37 8.49
N ARG A 55 -7.61 -4.52 9.24
CA ARG A 55 -7.67 -5.42 10.40
C ARG A 55 -8.58 -4.81 11.50
N PRO A 56 -8.28 -3.61 12.02
CA PRO A 56 -9.16 -3.08 13.07
C PRO A 56 -10.54 -2.74 12.50
N ALA A 57 -10.64 -2.33 11.24
CA ALA A 57 -11.99 -1.97 10.74
C ALA A 57 -12.88 -3.20 10.71
N VAL A 58 -12.40 -4.30 10.14
CA VAL A 58 -13.22 -5.53 10.16
C VAL A 58 -13.51 -6.00 11.58
N ARG A 59 -12.52 -6.02 12.44
CA ARG A 59 -12.72 -6.47 13.83
C ARG A 59 -13.72 -5.57 14.56
N MET A 60 -13.57 -4.24 14.42
CA MET A 60 -14.55 -3.34 15.04
C MET A 60 -15.96 -3.58 14.56
N ILE A 61 -16.13 -3.70 13.24
CA ILE A 61 -17.50 -3.92 12.70
C ILE A 61 -18.01 -5.25 13.27
N GLU A 62 -17.21 -6.29 13.22
CA GLU A 62 -17.71 -7.63 13.63
C GLU A 62 -18.01 -7.69 15.11
N GLN A 63 -17.19 -7.06 15.95
CA GLN A 63 -17.50 -6.94 17.37
C GLN A 63 -18.83 -6.17 17.56
N ALA A 64 -19.01 -5.06 16.85
CA ALA A 64 -20.26 -4.32 16.99
C ALA A 64 -21.44 -5.16 16.51
N GLU A 65 -21.26 -5.92 15.45
CA GLU A 65 -22.37 -6.79 14.96
C GLU A 65 -22.69 -7.82 16.03
N ALA A 66 -21.64 -8.43 16.59
CA ALA A 66 -21.81 -9.39 17.71
C ALA A 66 -22.48 -8.76 18.94
N ASP A 67 -22.14 -7.50 19.26
CA ASP A 67 -22.75 -6.74 20.34
C ASP A 67 -24.22 -6.34 20.08
N GLY A 68 -24.70 -6.51 18.84
CA GLY A 68 -26.02 -6.04 18.39
C GLY A 68 -26.15 -4.55 18.10
N LEU A 69 -25.01 -3.84 17.95
CA LEU A 69 -25.01 -2.39 17.71
C LEU A 69 -25.26 -2.09 16.26
N LEU A 70 -24.85 -3.01 15.39
CA LEU A 70 -25.05 -2.86 13.94
C LEU A 70 -26.02 -3.85 13.38
N ARG A 71 -27.09 -3.30 12.81
CA ARG A 71 -28.11 -4.00 12.08
C ARG A 71 -28.35 -3.34 10.72
N PRO A 72 -29.03 -4.06 9.81
CA PRO A 72 -29.13 -3.55 8.43
C PRO A 72 -29.60 -2.09 8.34
N GLY A 73 -28.97 -1.28 7.47
CA GLY A 73 -29.30 0.15 7.31
C GLY A 73 -28.76 1.10 8.38
N ALA A 74 -28.02 0.59 9.37
CA ALA A 74 -27.40 1.44 10.41
C ALA A 74 -26.44 2.49 9.79
N THR A 75 -26.26 3.63 10.49
CA THR A 75 -25.23 4.63 10.15
C THR A 75 -24.04 4.50 11.07
N ILE A 76 -22.86 4.39 10.45
CA ILE A 76 -21.55 4.35 11.10
C ILE A 76 -20.96 5.75 10.92
N LEU A 77 -20.43 6.29 12.01
CA LEU A 77 -19.74 7.60 12.00
C LEU A 77 -18.32 7.36 12.49
N GLU A 78 -17.32 7.83 11.79
CA GLU A 78 -15.95 7.62 12.29
C GLU A 78 -14.99 8.75 11.94
N PRO A 79 -14.22 9.24 12.89
CA PRO A 79 -13.16 10.18 12.57
C PRO A 79 -11.93 9.38 12.06
N THR A 80 -11.34 9.87 10.99
CA THR A 80 -10.27 9.08 10.36
C THR A 80 -9.35 10.01 9.61
N SER A 81 -8.11 9.57 9.42
CA SER A 81 -7.20 10.30 8.55
C SER A 81 -7.15 9.67 7.15
N GLY A 82 -7.99 8.65 6.92
CA GLY A 82 -8.19 8.15 5.55
C GLY A 82 -8.22 6.63 5.53
N ASN A 83 -7.18 5.97 6.00
CA ASN A 83 -7.13 4.53 5.84
C ASN A 83 -8.27 3.77 6.52
N THR A 84 -8.56 4.11 7.78
CA THR A 84 -9.66 3.45 8.54
C THR A 84 -10.97 3.73 7.79
N GLY A 85 -11.15 4.99 7.37
CA GLY A 85 -12.40 5.32 6.67
C GLY A 85 -12.52 4.49 5.40
N ILE A 86 -11.44 4.30 4.59
CA ILE A 86 -11.51 3.48 3.39
C ILE A 86 -11.87 2.02 3.72
N SER A 87 -11.25 1.46 4.77
CA SER A 87 -11.55 0.09 5.16
C SER A 87 -13.01 -0.04 5.62
N LEU A 88 -13.43 0.91 6.43
CA LEU A 88 -14.85 0.89 6.83
C LEU A 88 -15.77 1.12 5.70
N ALA A 89 -15.38 1.94 4.73
CA ALA A 89 -16.31 2.24 3.58
C ALA A 89 -16.54 0.97 2.77
N MET A 90 -15.49 0.19 2.56
CA MET A 90 -15.59 -1.06 1.84
C MET A 90 -16.48 -2.02 2.63
N ALA A 91 -16.20 -2.24 3.92
CA ALA A 91 -16.96 -3.22 4.70
C ALA A 91 -18.39 -2.76 4.82
N ALA A 92 -18.60 -1.44 4.95
CA ALA A 92 -19.99 -0.93 5.09
C ALA A 92 -20.76 -1.08 3.79
N ARG A 93 -20.09 -0.89 2.66
CA ARG A 93 -20.75 -1.07 1.35
C ARG A 93 -21.23 -2.52 1.21
N LEU A 94 -20.41 -3.47 1.65
CA LEU A 94 -20.73 -4.89 1.46
C LEU A 94 -21.77 -5.35 2.45
N LYS A 95 -21.80 -4.71 3.62
CA LYS A 95 -22.70 -5.11 4.70
C LYS A 95 -23.99 -4.30 4.76
N GLY A 96 -24.12 -3.27 3.92
CA GLY A 96 -25.34 -2.45 3.88
C GLY A 96 -25.46 -1.43 4.99
N TYR A 97 -24.33 -0.86 5.44
CA TYR A 97 -24.34 0.22 6.39
C TYR A 97 -24.01 1.54 5.70
N ARG A 98 -24.54 2.65 6.20
CA ARG A 98 -24.19 3.97 5.70
C ARG A 98 -22.94 4.39 6.47
N LEU A 99 -22.01 5.12 5.83
CA LEU A 99 -20.79 5.59 6.53
C LEU A 99 -20.65 7.07 6.30
N ILE A 100 -20.42 7.78 7.39
CA ILE A 100 -20.07 9.20 7.41
C ILE A 100 -18.65 9.24 8.05
N CYS A 101 -17.65 9.76 7.33
CA CYS A 101 -16.31 9.90 7.86
C CYS A 101 -16.05 11.35 8.13
N VAL A 102 -15.45 11.66 9.26
CA VAL A 102 -14.97 13.02 9.52
C VAL A 102 -13.47 12.95 9.31
N MET A 103 -12.97 13.71 8.38
CA MET A 103 -11.56 13.56 7.95
C MET A 103 -10.96 14.92 7.79
N PRO A 104 -9.72 15.13 8.24
CA PRO A 104 -9.11 16.47 8.02
C PRO A 104 -9.00 16.78 6.51
N GLU A 105 -9.23 18.05 6.23
CA GLU A 105 -9.20 18.51 4.84
C GLU A 105 -7.85 18.37 4.11
N ASN A 106 -6.75 18.32 4.87
CA ASN A 106 -5.39 18.30 4.31
C ASN A 106 -4.87 16.88 4.26
N THR A 107 -5.70 16.04 3.68
CA THR A 107 -5.36 14.65 3.42
C THR A 107 -5.30 14.43 1.90
N SER A 108 -4.70 13.33 1.47
CA SER A 108 -4.45 13.20 0.06
C SER A 108 -5.75 12.99 -0.74
N VAL A 109 -5.77 13.53 -1.96
CA VAL A 109 -6.98 13.39 -2.81
C VAL A 109 -7.37 11.94 -3.03
N GLU A 110 -6.38 11.04 -3.11
CA GLU A 110 -6.70 9.62 -3.34
C GLU A 110 -7.62 9.06 -2.25
N ARG A 111 -7.46 9.52 -1.00
CA ARG A 111 -8.36 9.08 0.04
C ARG A 111 -9.78 9.49 -0.23
N ARG A 112 -9.98 10.75 -0.64
CA ARG A 112 -11.39 11.13 -0.85
C ARG A 112 -11.95 10.50 -2.10
N GLN A 113 -11.12 10.24 -3.10
CA GLN A 113 -11.60 9.45 -4.27
C GLN A 113 -12.10 8.09 -3.89
N LEU A 114 -11.37 7.41 -2.99
CA LEU A 114 -11.82 6.08 -2.64
C LEU A 114 -13.06 6.11 -1.76
N LEU A 115 -13.11 7.06 -0.82
CA LEU A 115 -14.31 7.19 0.02
C LEU A 115 -15.53 7.45 -0.88
N GLU A 116 -15.38 8.36 -1.85
CA GLU A 116 -16.55 8.71 -2.74
C GLU A 116 -16.93 7.46 -3.55
N LEU A 117 -15.95 6.74 -4.06
CA LEU A 117 -16.21 5.50 -4.82
C LEU A 117 -17.01 4.47 -4.04
N TYR A 118 -16.69 4.31 -2.76
CA TYR A 118 -17.41 3.35 -1.90
C TYR A 118 -18.74 3.88 -1.34
N GLY A 119 -19.04 5.16 -1.60
CA GLY A 119 -20.32 5.83 -1.28
C GLY A 119 -20.37 6.35 0.15
N ALA A 120 -19.20 6.65 0.74
CA ALA A 120 -19.20 7.26 2.08
C ALA A 120 -19.38 8.78 1.99
N GLN A 121 -20.11 9.42 2.93
CA GLN A 121 -20.10 10.86 3.00
C GLN A 121 -18.84 11.32 3.71
N ILE A 122 -18.25 12.40 3.27
CA ILE A 122 -17.11 12.95 3.98
C ILE A 122 -17.51 14.31 4.58
N ILE A 123 -17.24 14.47 5.88
CA ILE A 123 -17.27 15.74 6.61
C ILE A 123 -15.81 16.18 6.75
N PHE A 124 -15.39 17.21 6.02
CA PHE A 124 -13.97 17.68 6.15
C PHE A 124 -13.81 18.56 7.39
N SER A 125 -12.90 18.19 8.26
CA SER A 125 -12.59 19.05 9.39
C SER A 125 -11.34 19.91 9.10
N ALA A 126 -11.25 21.05 9.82
CA ALA A 126 -10.15 21.97 9.60
C ALA A 126 -8.77 21.34 9.85
N ALA A 127 -7.78 21.79 9.07
CA ALA A 127 -6.44 21.22 9.09
C ALA A 127 -5.73 21.43 10.47
N GLU A 128 -5.97 22.58 11.10
CA GLU A 128 -5.36 22.81 12.45
C GLU A 128 -5.91 21.84 13.48
N GLY A 129 -5.00 21.14 14.13
CA GLY A 129 -5.31 20.11 15.09
C GLY A 129 -5.37 18.70 14.52
N GLY A 130 -5.30 18.58 13.20
CA GLY A 130 -5.22 17.26 12.60
C GLY A 130 -6.33 16.35 13.08
N SER A 131 -5.99 15.10 13.44
CA SER A 131 -7.01 14.14 13.87
C SER A 131 -7.68 14.56 15.15
N ASN A 132 -7.04 15.43 15.96
CA ASN A 132 -7.75 15.88 17.20
C ASN A 132 -9.05 16.59 16.83
N THR A 133 -8.99 17.41 15.81
CA THR A 133 -10.15 18.20 15.41
C THR A 133 -11.25 17.29 14.80
N ALA A 134 -10.81 16.34 13.98
CA ALA A 134 -11.79 15.38 13.41
C ALA A 134 -12.42 14.58 14.57
N VAL A 135 -11.63 14.12 15.55
CA VAL A 135 -12.18 13.37 16.68
C VAL A 135 -13.19 14.22 17.46
N ALA A 136 -12.85 15.49 17.77
CA ALA A 136 -13.75 16.34 18.55
C ALA A 136 -15.06 16.54 17.79
N THR A 137 -14.97 16.75 16.49
CA THR A 137 -16.14 16.96 15.64
C THR A 137 -17.00 15.69 15.62
N ALA A 138 -16.38 14.54 15.41
CA ALA A 138 -17.12 13.28 15.45
C ALA A 138 -17.80 13.04 16.80
N LYS A 139 -17.10 13.26 17.91
CA LYS A 139 -17.72 13.02 19.24
C LYS A 139 -18.95 13.89 19.42
N GLU A 140 -18.91 15.13 18.93
CA GLU A 140 -20.08 16.03 19.06
C GLU A 140 -21.23 15.45 18.24
N LEU A 141 -20.95 15.05 17.01
CA LEU A 141 -21.98 14.47 16.18
C LEU A 141 -22.57 13.17 16.74
N ALA A 142 -21.72 12.31 17.30
CA ALA A 142 -22.18 11.06 17.95
C ALA A 142 -23.13 11.38 19.10
N ALA A 143 -22.78 12.39 19.89
CA ALA A 143 -23.57 12.74 21.10
C ALA A 143 -24.94 13.25 20.68
N THR A 144 -24.97 14.01 19.58
CA THR A 144 -26.21 14.60 19.05
C THR A 144 -27.13 13.53 18.41
N ASN A 145 -26.53 12.48 17.84
CA ASN A 145 -27.23 11.46 17.07
C ASN A 145 -26.90 10.09 17.66
N PRO A 146 -27.47 9.82 18.83
CA PRO A 146 -27.12 8.60 19.57
C PRO A 146 -27.46 7.30 18.83
N SER A 147 -28.34 7.35 17.83
CA SER A 147 -28.60 6.14 17.06
C SER A 147 -27.47 5.72 16.11
N TRP A 148 -26.56 6.66 15.77
CA TRP A 148 -25.44 6.26 14.92
C TRP A 148 -24.47 5.45 15.74
N VAL A 149 -23.65 4.67 15.05
CA VAL A 149 -22.64 3.85 15.68
C VAL A 149 -21.28 4.51 15.39
N MET A 150 -20.68 5.05 16.43
CA MET A 150 -19.28 5.54 16.29
C MET A 150 -18.38 4.42 16.87
N LEU A 151 -17.69 3.65 16.00
CA LEU A 151 -16.85 2.56 16.50
C LEU A 151 -15.70 3.08 17.32
N TYR A 152 -15.17 4.23 16.92
CA TYR A 152 -14.21 5.03 17.67
C TYR A 152 -12.88 4.31 17.77
N GLN A 153 -12.12 4.39 16.68
CA GLN A 153 -10.85 3.61 16.60
C GLN A 153 -9.81 4.04 17.64
N TYR A 154 -9.91 5.24 18.18
CA TYR A 154 -8.93 5.74 19.12
C TYR A 154 -9.12 5.16 20.54
N GLY A 155 -10.24 4.52 20.78
CA GLY A 155 -10.55 3.96 22.13
C GLY A 155 -11.09 2.57 22.12
N ASN A 156 -11.44 2.01 20.96
CA ASN A 156 -12.12 0.76 20.90
C ASN A 156 -11.13 -0.41 21.01
N PRO A 157 -11.25 -1.24 22.09
CA PRO A 157 -10.24 -2.31 22.22
C PRO A 157 -10.27 -3.34 21.08
N ALA A 158 -11.31 -3.39 20.26
CA ALA A 158 -11.29 -4.27 19.10
C ALA A 158 -10.17 -3.83 18.09
N ASN A 159 -9.84 -2.54 18.06
CA ASN A 159 -8.66 -2.12 17.27
C ASN A 159 -7.40 -2.86 17.75
N THR A 160 -7.08 -2.71 19.04
CA THR A 160 -5.93 -3.44 19.57
C THR A 160 -6.06 -4.97 19.40
N ASP A 161 -7.25 -5.54 19.70
CA ASP A 161 -7.53 -6.98 19.55
C ASP A 161 -7.12 -7.48 18.16
N SER A 162 -7.39 -6.66 17.12
CA SER A 162 -7.12 -7.13 15.77
C SER A 162 -5.64 -7.42 15.53
N HIS A 163 -4.79 -6.66 16.25
CA HIS A 163 -3.34 -6.79 16.17
C HIS A 163 -2.86 -7.85 17.19
N TYR A 164 -3.47 -7.89 18.38
CA TYR A 164 -3.07 -8.92 19.35
C TYR A 164 -3.41 -10.29 18.78
N CYS A 165 -4.53 -10.42 18.07
CA CYS A 165 -4.93 -11.74 17.48
C CYS A 165 -4.51 -12.04 16.04
N GLY A 166 -4.02 -11.03 15.31
CA GLY A 166 -3.67 -11.13 13.90
C GLY A 166 -2.21 -10.81 13.64
N THR A 167 -1.89 -9.51 13.67
CA THR A 167 -0.58 -9.05 13.27
C THR A 167 0.49 -9.73 14.12
N GLY A 168 0.27 -9.73 15.45
CA GLY A 168 1.25 -10.27 16.43
C GLY A 168 1.52 -11.77 16.22
N PRO A 169 0.46 -12.58 16.29
CA PRO A 169 0.64 -14.03 16.00
C PRO A 169 1.30 -14.32 14.66
N GLU A 170 0.95 -13.60 13.57
CA GLU A 170 1.52 -13.90 12.28
C GLU A 170 3.01 -13.58 12.28
N LEU A 171 3.39 -12.44 12.87
CA LEU A 171 4.77 -12.04 12.96
CA LEU A 171 4.75 -12.03 12.95
C LEU A 171 5.60 -13.06 13.74
N LEU A 172 5.05 -13.54 14.85
CA LEU A 172 5.77 -14.50 15.69
C LEU A 172 5.90 -15.83 14.98
N ALA A 173 4.84 -16.28 14.32
CA ALA A 173 4.95 -17.51 13.52
C ALA A 173 6.03 -17.41 12.45
N ASP A 174 6.17 -16.25 11.79
CA ASP A 174 7.19 -16.10 10.74
C ASP A 174 8.58 -15.75 11.25
N LEU A 175 8.66 -15.15 12.45
CA LEU A 175 9.91 -14.58 12.95
C LEU A 175 10.07 -14.87 14.42
N PRO A 176 10.18 -16.18 14.76
CA PRO A 176 10.37 -16.46 16.21
C PRO A 176 11.65 -15.88 16.80
N GLU A 177 12.61 -15.51 15.96
CA GLU A 177 13.81 -14.89 16.40
C GLU A 177 13.71 -13.37 16.62
N ILE A 178 12.51 -12.82 16.47
CA ILE A 178 12.33 -11.36 16.55
C ILE A 178 12.90 -10.75 17.83
N THR A 179 13.59 -9.63 17.65
CA THR A 179 14.15 -8.85 18.75
C THR A 179 13.49 -7.48 18.89
N HIS A 180 12.96 -6.96 17.75
CA HIS A 180 12.34 -5.63 17.82
C HIS A 180 11.15 -5.58 16.84
N PHE A 181 10.16 -4.77 17.23
CA PHE A 181 9.01 -4.49 16.33
C PHE A 181 8.94 -2.96 16.21
N VAL A 182 8.93 -2.49 14.94
CA VAL A 182 8.80 -1.03 14.69
C VAL A 182 7.50 -0.76 13.88
N ALA A 183 6.69 0.20 14.36
CA ALA A 183 5.50 0.57 13.57
C ALA A 183 5.21 2.04 13.81
N GLY A 184 4.22 2.52 13.03
CA GLY A 184 3.75 3.89 13.20
C GLY A 184 2.90 4.03 14.43
N LEU A 185 2.48 5.24 14.67
CA LEU A 185 1.76 5.56 15.89
C LEU A 185 0.69 6.60 15.56
N GLY A 186 -0.54 6.13 15.47
CA GLY A 186 -1.72 6.97 15.09
C GLY A 186 -2.81 6.76 16.14
N THR A 187 -3.63 5.73 15.96
CA THR A 187 -4.61 5.34 17.00
C THR A 187 -3.83 4.64 18.16
N THR A 188 -2.61 4.21 17.85
CA THR A 188 -1.77 3.35 18.74
C THR A 188 -2.17 1.89 18.74
N GLY A 189 -3.23 1.53 18.01
CA GLY A 189 -3.60 0.11 17.95
C GLY A 189 -2.56 -0.87 17.51
N THR A 190 -1.79 -0.54 16.49
CA THR A 190 -0.83 -1.50 15.94
C THR A 190 0.20 -1.80 17.05
N LEU A 191 0.82 -0.77 17.59
CA LEU A 191 1.86 -1.03 18.61
C LEU A 191 1.25 -1.52 19.89
N MET A 192 0.07 -1.11 20.28
CA MET A 192 -0.42 -1.59 21.60
C MET A 192 -0.79 -3.07 21.48
N GLY A 193 -1.50 -3.47 20.41
CA GLY A 193 -1.94 -4.89 20.33
C GLY A 193 -0.78 -5.78 19.89
N THR A 194 -0.04 -5.40 18.85
CA THR A 194 1.10 -6.24 18.43
C THR A 194 2.14 -6.25 19.53
N GLY A 195 2.37 -5.09 20.16
CA GLY A 195 3.41 -5.02 21.18
C GLY A 195 3.01 -5.78 22.43
N ARG A 196 1.76 -5.73 22.85
CA ARG A 196 1.40 -6.55 24.06
C ARG A 196 1.59 -8.01 23.73
N PHE A 197 1.12 -8.44 22.58
CA PHE A 197 1.25 -9.85 22.18
C PHE A 197 2.71 -10.23 22.17
N LEU A 198 3.56 -9.44 21.51
CA LEU A 198 4.98 -9.81 21.41
C LEU A 198 5.64 -9.80 22.79
N ARG A 199 5.37 -8.77 23.59
CA ARG A 199 6.05 -8.71 24.93
C ARG A 199 5.62 -9.95 25.73
N GLU A 200 4.38 -10.37 25.58
CA GLU A 200 3.92 -11.56 26.38
C GLU A 200 4.57 -12.82 25.87
N HIS A 201 4.85 -12.90 24.58
CA HIS A 201 5.26 -14.22 24.01
C HIS A 201 6.72 -14.31 23.65
N VAL A 202 7.49 -13.23 23.78
CA VAL A 202 8.86 -13.22 23.31
C VAL A 202 9.72 -12.57 24.39
N ALA A 203 10.49 -13.39 25.12
CA ALA A 203 11.50 -12.80 25.97
C ALA A 203 12.32 -11.67 25.35
N ASN A 204 12.41 -10.58 26.10
CA ASN A 204 13.32 -9.47 25.80
C ASN A 204 12.99 -8.63 24.54
N VAL A 205 11.83 -8.85 23.95
CA VAL A 205 11.54 -8.12 22.67
C VAL A 205 11.34 -6.61 22.98
N LYS A 206 11.72 -5.74 22.02
CA LYS A 206 11.55 -4.31 22.22
C LYS A 206 10.55 -3.79 21.15
N ILE A 207 9.77 -2.82 21.59
CA ILE A 207 8.65 -2.28 20.76
C ILE A 207 8.98 -0.78 20.53
N VAL A 208 9.06 -0.38 19.26
CA VAL A 208 9.51 0.98 18.94
C VAL A 208 8.49 1.67 18.06
N ALA A 209 8.14 2.89 18.47
CA ALA A 209 7.19 3.72 17.66
C ALA A 209 7.95 4.68 16.77
N ALA A 210 7.40 4.91 15.56
CA ALA A 210 7.97 5.90 14.63
C ALA A 210 6.80 6.82 14.27
N GLU A 211 6.81 8.02 14.85
CA GLU A 211 5.70 8.95 14.81
C GLU A 211 5.96 10.00 13.71
N PRO A 212 5.03 10.28 12.80
CA PRO A 212 5.31 11.38 11.86
C PRO A 212 5.45 12.73 12.59
N ARG A 213 6.24 13.66 12.02
CA ARG A 213 6.24 15.03 12.49
C ARG A 213 5.77 15.87 11.32
N TYR A 214 4.62 16.48 11.52
CA TYR A 214 3.96 17.30 10.49
C TYR A 214 4.41 18.74 10.56
N GLY A 215 3.96 19.51 9.56
CA GLY A 215 4.21 20.96 9.61
C GLY A 215 3.52 21.67 10.76
N GLU A 216 3.94 22.93 10.99
CA GLU A 216 3.54 23.62 12.20
C GLU A 216 2.04 23.80 12.34
N GLY A 217 1.36 23.99 11.20
CA GLY A 217 -0.05 24.25 11.19
C GLY A 217 -0.88 23.13 11.75
N VAL A 218 -0.42 21.89 11.56
CA VAL A 218 -1.15 20.74 12.08
C VAL A 218 -1.24 20.77 13.60
N TYR A 219 -0.22 21.33 14.24
CA TYR A 219 -0.15 21.36 15.69
C TYR A 219 -0.70 22.67 16.30
N ALA A 220 -1.25 23.54 15.46
CA ALA A 220 -1.65 24.91 15.89
C ALA A 220 -2.99 24.88 16.59
N LEU A 221 -3.03 24.22 17.72
CA LEU A 221 -4.21 24.20 18.56
C LEU A 221 -4.28 25.59 19.20
N ARG A 222 -5.45 25.97 19.69
CA ARG A 222 -5.59 27.28 20.38
C ARG A 222 -5.26 27.23 21.87
N ASN A 223 -5.31 26.03 22.44
CA ASN A 223 -5.12 25.76 23.87
C ASN A 223 -4.41 24.43 23.99
N MET A 224 -3.51 24.31 24.97
CA MET A 224 -2.81 23.02 25.19
C MET A 224 -3.82 21.93 25.58
N ASP A 225 -4.94 22.34 26.17
CA ASP A 225 -6.03 21.45 26.56
C ASP A 225 -6.79 20.84 25.39
N GLU A 226 -6.55 21.34 24.17
CA GLU A 226 -7.08 20.72 22.97
C GLU A 226 -6.16 19.57 22.56
N GLY A 227 -5.10 19.33 23.36
CA GLY A 227 -4.24 18.16 23.10
C GLY A 227 -5.03 16.86 23.22
N PHE A 228 -4.53 15.77 22.65
CA PHE A 228 -5.31 14.51 22.68
C PHE A 228 -4.35 13.37 22.58
N VAL A 229 -4.52 12.39 23.47
CA VAL A 229 -3.81 11.12 23.49
C VAL A 229 -4.89 10.03 23.37
N PRO A 230 -4.78 9.17 22.31
CA PRO A 230 -5.83 8.13 22.20
C PRO A 230 -5.97 7.33 23.49
N GLU A 231 -7.24 6.97 23.81
CA GLU A 231 -7.53 6.18 25.02
C GLU A 231 -6.87 4.80 24.97
N LEU A 232 -6.53 4.29 23.77
CA LEU A 232 -5.81 3.00 23.64
C LEU A 232 -4.40 3.01 24.16
N TYR A 233 -3.78 4.19 24.25
CA TYR A 233 -2.34 4.27 24.46
C TYR A 233 -1.94 3.94 25.91
N ASP A 234 -0.90 3.12 26.02
CA ASP A 234 -0.23 2.79 27.30
C ASP A 234 1.27 2.93 27.03
N PRO A 235 1.93 4.00 27.56
CA PRO A 235 3.36 4.20 27.22
C PRO A 235 4.25 3.08 27.74
N GLU A 236 3.76 2.34 28.74
CA GLU A 236 4.56 1.16 29.26
C GLU A 236 4.86 0.04 28.22
N ILE A 237 4.11 0.01 27.11
CA ILE A 237 4.36 -1.01 26.10
C ILE A 237 5.62 -0.63 25.24
N LEU A 238 5.86 0.66 25.09
CA LEU A 238 6.95 1.07 24.22
C LEU A 238 8.30 1.07 24.92
N THR A 239 9.32 0.75 24.15
CA THR A 239 10.72 0.92 24.54
C THR A 239 11.32 2.27 24.10
N ALA A 240 10.87 2.77 22.91
CA ALA A 240 11.34 4.05 22.42
C ALA A 240 10.30 4.62 21.51
N ARG A 241 10.42 5.92 21.24
CA ARG A 241 9.46 6.60 20.38
C ARG A 241 10.22 7.65 19.60
N TYR A 242 10.19 7.58 18.26
CA TYR A 242 10.91 8.56 17.45
C TYR A 242 9.94 9.42 16.70
N SER A 243 10.27 10.68 16.55
CA SER A 243 9.51 11.66 15.74
C SER A 243 10.29 11.90 14.45
N VAL A 244 9.66 11.64 13.29
CA VAL A 244 10.38 11.67 12.01
C VAL A 244 9.75 12.69 11.05
N GLY A 245 10.55 13.66 10.65
CA GLY A 245 10.03 14.73 9.80
C GLY A 245 9.92 14.22 8.37
N ALA A 246 9.28 15.07 7.55
CA ALA A 246 8.96 14.72 6.16
C ALA A 246 10.21 14.45 5.33
N VAL A 247 11.31 15.21 5.52
CA VAL A 247 12.43 14.90 4.63
C VAL A 247 13.07 13.53 4.87
N ASP A 248 13.23 13.17 6.15
CA ASP A 248 13.73 11.88 6.49
C ASP A 248 12.74 10.78 6.06
N ALA A 249 11.42 11.01 6.29
CA ALA A 249 10.47 9.97 5.89
C ALA A 249 10.43 9.76 4.39
N VAL A 250 10.43 10.86 3.67
CA VAL A 250 10.46 10.80 2.17
C VAL A 250 11.76 10.17 1.63
N ARG A 251 12.89 10.55 2.26
CA ARG A 251 14.15 9.93 1.87
C ARG A 251 14.12 8.43 2.00
N ARG A 252 13.64 7.96 3.18
CA ARG A 252 13.66 6.50 3.43
C ARG A 252 12.61 5.78 2.55
N THR A 253 11.47 6.45 2.31
CA THR A 253 10.46 5.86 1.39
C THR A 253 11.03 5.66 -0.01
N ARG A 254 11.73 6.70 -0.48
CA ARG A 254 12.39 6.55 -1.80
C ARG A 254 13.48 5.46 -1.77
N GLU A 255 14.29 5.42 -0.72
CA GLU A 255 15.34 4.38 -0.56
C GLU A 255 14.80 2.97 -0.59
N LEU A 256 13.62 2.79 0.00
CA LEU A 256 13.03 1.48 0.11
C LEU A 256 12.63 0.97 -1.26
N VAL A 257 12.01 1.87 -2.06
CA VAL A 257 11.64 1.43 -3.40
C VAL A 257 12.85 1.31 -4.33
N HIS A 258 13.81 2.21 -4.19
CA HIS A 258 15.04 2.12 -5.01
C HIS A 258 15.88 0.92 -4.74
N THR A 259 15.97 0.51 -3.48
CA THR A 259 16.88 -0.52 -3.00
C THR A 259 16.22 -1.90 -2.87
N GLU A 260 14.96 -1.94 -2.42
CA GLU A 260 14.28 -3.20 -2.21
C GLU A 260 13.04 -3.44 -3.05
N GLY A 261 12.66 -2.46 -3.86
CA GLY A 261 11.58 -2.70 -4.83
C GLY A 261 10.20 -2.54 -4.21
N ILE A 262 10.12 -2.11 -2.93
CA ILE A 262 8.83 -2.01 -2.22
C ILE A 262 8.38 -0.57 -2.27
N PHE A 263 7.16 -0.36 -2.77
CA PHE A 263 6.60 0.95 -3.03
C PHE A 263 5.60 1.27 -1.93
N ALA A 264 6.10 1.99 -0.94
CA ALA A 264 5.34 2.10 0.31
C ALA A 264 4.86 3.54 0.53
N GLY A 265 3.90 3.72 1.43
CA GLY A 265 3.44 5.03 1.91
C GLY A 265 4.49 5.78 2.69
N ILE A 266 4.25 7.06 2.95
CA ILE A 266 5.31 7.88 3.59
C ILE A 266 5.45 7.46 5.06
N SER A 267 4.40 6.93 5.71
CA SER A 267 4.57 6.55 7.17
C SER A 267 5.63 5.42 7.22
N THR A 268 5.73 4.63 6.16
CA THR A 268 6.69 3.50 6.12
C THR A 268 8.10 4.05 6.11
N GLY A 269 8.26 5.16 5.42
CA GLY A 269 9.59 5.80 5.44
C GLY A 269 9.94 6.23 6.86
N ALA A 270 8.99 6.71 7.66
CA ALA A 270 9.27 7.10 9.05
C ALA A 270 9.59 5.84 9.86
N VAL A 271 8.87 4.76 9.64
CA VAL A 271 9.19 3.49 10.27
C VAL A 271 10.57 3.01 9.96
N LEU A 272 10.92 3.08 8.69
CA LEU A 272 12.22 2.57 8.20
C LEU A 272 13.32 3.46 8.86
N HIS A 273 13.10 4.77 8.95
CA HIS A 273 14.12 5.65 9.52
C HIS A 273 14.37 5.21 10.96
N ALA A 274 13.33 4.98 11.75
CA ALA A 274 13.45 4.49 13.14
C ALA A 274 14.16 3.15 13.13
N ALA A 275 13.72 2.23 12.29
CA ALA A 275 14.31 0.90 12.29
C ALA A 275 15.79 0.91 11.96
N LEU A 276 16.21 1.75 11.03
CA LEU A 276 17.65 1.91 10.71
C LEU A 276 18.39 2.47 11.90
N GLY A 277 17.82 3.38 12.65
CA GLY A 277 18.44 3.84 13.94
C GLY A 277 18.64 2.73 14.94
N VAL A 278 17.59 1.94 15.13
CA VAL A 278 17.63 0.83 16.07
C VAL A 278 18.70 -0.17 15.56
N GLY A 279 18.66 -0.50 14.29
CA GLY A 279 19.64 -1.38 13.64
C GLY A 279 21.06 -0.91 13.86
N ALA A 280 21.29 0.39 13.67
CA ALA A 280 22.67 0.97 13.82
C ALA A 280 23.12 0.73 15.24
N GLY A 281 22.20 0.92 16.20
CA GLY A 281 22.48 0.69 17.64
C GLY A 281 22.90 -0.76 17.95
N ALA A 282 22.15 -1.73 17.45
CA ALA A 282 22.47 -3.17 17.61
C ALA A 282 23.83 -3.49 16.94
N LEU A 283 24.09 -2.93 15.80
CA LEU A 283 25.35 -3.18 15.09
C LEU A 283 26.52 -2.63 15.92
N ALA A 284 26.37 -1.41 16.45
CA ALA A 284 27.44 -0.80 17.26
C ALA A 284 27.69 -1.61 18.52
N ALA A 285 26.62 -2.17 19.07
CA ALA A 285 26.76 -2.96 20.27
C ALA A 285 27.22 -4.41 20.01
N GLY A 286 27.39 -4.81 18.75
CA GLY A 286 27.66 -6.25 18.41
C GLY A 286 26.57 -7.24 18.87
N GLU A 287 25.31 -6.77 18.82
CA GLU A 287 24.18 -7.54 19.26
C GLU A 287 23.48 -8.07 17.99
N ARG A 288 23.00 -9.30 18.04
CA ARG A 288 22.23 -9.86 16.92
C ARG A 288 20.87 -9.17 16.96
N ALA A 289 20.30 -8.80 15.81
CA ALA A 289 18.92 -8.26 15.90
C ALA A 289 18.13 -8.73 14.71
N ASP A 290 16.84 -8.95 14.93
CA ASP A 290 15.88 -9.28 13.87
C ASP A 290 14.70 -8.38 14.14
N ILE A 291 14.69 -7.35 13.30
CA ILE A 291 13.83 -6.18 13.49
C ILE A 291 12.71 -6.22 12.42
N ALA A 292 11.48 -6.39 12.86
CA ALA A 292 10.30 -6.41 11.97
C ALA A 292 9.73 -5.03 12.00
N LEU A 293 9.37 -4.57 10.80
CA LEU A 293 8.81 -3.21 10.69
C LEU A 293 7.56 -3.29 9.78
N VAL A 294 6.57 -2.47 10.13
CA VAL A 294 5.31 -2.48 9.36
C VAL A 294 5.35 -1.57 8.09
N VAL A 295 4.91 -2.12 6.93
CA VAL A 295 4.65 -1.31 5.71
C VAL A 295 3.11 -1.21 5.73
N ALA A 296 2.63 -0.09 6.27
CA ALA A 296 1.19 0.02 6.61
C ALA A 296 0.33 0.17 5.35
N ASP A 297 0.88 0.78 4.31
CA ASP A 297 0.17 0.96 3.02
C ASP A 297 1.18 1.22 1.91
N ALA A 298 0.72 1.11 0.66
CA ALA A 298 1.60 1.35 -0.47
C ALA A 298 1.65 2.83 -0.80
N GLY A 299 2.52 3.13 -1.77
CA GLY A 299 2.71 4.55 -2.17
C GLY A 299 1.54 5.18 -2.95
N TRP A 300 0.61 4.31 -3.44
CA TRP A 300 -0.35 4.82 -4.42
C TRP A 300 -1.13 6.02 -3.91
N LYS A 301 -1.56 5.98 -2.64
CA LYS A 301 -2.40 7.08 -2.18
C LYS A 301 -1.64 8.37 -1.86
N TYR A 302 -0.36 8.39 -2.19
CA TYR A 302 0.45 9.57 -1.89
C TYR A 302 1.05 10.18 -3.14
N LEU A 303 0.73 9.62 -4.29
CA LEU A 303 1.34 10.08 -5.54
C LEU A 303 0.96 11.54 -5.79
N SER A 304 -0.27 11.91 -5.50
CA SER A 304 -0.70 13.31 -5.71
C SER A 304 0.05 14.36 -4.84
N THR A 305 0.66 13.93 -3.74
CA THR A 305 1.40 14.87 -2.89
C THR A 305 2.67 15.39 -3.56
N GLY A 306 3.19 14.72 -4.58
CA GLY A 306 4.42 15.16 -5.24
C GLY A 306 5.69 14.56 -4.67
N ALA A 307 5.53 13.88 -3.54
CA ALA A 307 6.69 13.46 -2.73
C ALA A 307 7.55 12.40 -3.43
N TYR A 308 6.98 11.73 -4.41
CA TYR A 308 7.74 10.67 -5.09
C TYR A 308 8.45 11.20 -6.34
N ALA A 309 8.37 12.51 -6.56
CA ALA A 309 9.06 13.09 -7.72
C ALA A 309 9.79 14.34 -7.28
N GLY A 310 10.65 14.86 -8.18
CA GLY A 310 11.37 16.09 -7.89
C GLY A 310 12.45 15.86 -6.86
N SER A 311 13.04 16.94 -6.36
CA SER A 311 14.15 16.83 -5.45
C SER A 311 13.66 16.52 -4.06
N LEU A 312 14.49 15.75 -3.36
CA LEU A 312 14.26 15.45 -1.97
C LEU A 312 13.91 16.67 -1.12
N ASP A 313 14.56 17.82 -1.33
CA ASP A 313 14.01 19.09 -0.75
C ASP A 313 12.85 19.48 -1.65
N ASP A 314 11.82 20.15 -1.15
CA ASP A 314 10.61 20.38 -1.96
C ASP A 314 9.57 19.26 -1.89
N ALA A 315 9.98 18.02 -1.62
CA ALA A 315 9.00 16.99 -1.24
C ALA A 315 8.55 17.47 0.11
N GLU A 316 9.52 17.93 0.88
CA GLU A 316 9.29 18.58 2.14
C GLU A 316 8.32 19.80 2.02
N THR A 317 8.60 20.70 1.09
CA THR A 317 7.69 21.81 0.85
C THR A 317 6.35 21.31 0.35
N ALA A 318 6.37 20.31 -0.55
CA ALA A 318 5.11 19.68 -0.96
C ALA A 318 4.29 19.14 0.24
N LEU A 319 4.93 18.57 1.24
CA LEU A 319 4.14 17.93 2.35
C LEU A 319 3.84 18.86 3.55
N GLU A 320 4.38 20.08 3.55
CA GLU A 320 4.32 20.94 4.72
C GLU A 320 2.89 21.17 5.27
N GLY A 321 1.95 21.38 4.37
CA GLY A 321 0.56 21.59 4.83
C GLY A 321 -0.27 20.35 4.98
N GLN A 322 0.35 19.18 4.85
CA GLN A 322 -0.41 17.94 4.67
C GLN A 322 -0.23 16.89 5.72
N LEU A 323 -1.27 16.07 5.89
CA LEU A 323 -1.12 14.82 6.65
C LEU A 323 -0.62 13.74 5.70
N TRP A 324 0.13 12.80 6.22
CA TRP A 324 0.63 11.71 5.39
C TRP A 324 0.61 10.34 6.07
N ALA A 325 -0.21 10.20 7.12
CA ALA A 325 -0.53 8.93 7.76
C ALA A 325 -1.91 9.09 8.41
N ARG B 1 4.95 -19.99 -1.70
CA ARG B 1 4.00 -21.08 -2.15
C ARG B 1 3.44 -21.83 -0.93
N HIS B 2 2.32 -21.31 -0.39
CA HIS B 2 1.88 -21.56 1.00
C HIS B 2 2.95 -21.08 2.01
N MET B 3 3.83 -20.18 1.55
CA MET B 3 4.90 -19.61 2.36
C MET B 3 4.47 -18.21 2.72
N THR B 4 5.03 -17.72 3.81
CA THR B 4 4.65 -16.45 4.39
C THR B 4 5.88 -15.56 4.65
N ARG B 5 7.04 -16.18 4.85
CA ARG B 5 8.26 -15.40 5.00
C ARG B 5 9.21 -15.65 3.84
N TYR B 6 9.84 -14.59 3.35
CA TYR B 6 10.62 -14.59 2.09
C TYR B 6 11.87 -13.78 2.35
N ASP B 7 13.02 -14.22 1.77
CA ASP B 7 14.21 -13.47 1.96
C ASP B 7 14.35 -12.25 1.05
N SER B 8 13.46 -12.07 0.06
CA SER B 8 13.50 -10.89 -0.78
C SER B 8 12.13 -10.77 -1.43
N LEU B 9 11.86 -9.55 -1.91
CA LEU B 9 10.58 -9.30 -2.59
C LEU B 9 10.41 -10.21 -3.80
N LEU B 10 11.48 -10.45 -4.55
CA LEU B 10 11.35 -11.28 -5.77
C LEU B 10 10.88 -12.68 -5.44
N GLN B 11 11.24 -13.21 -4.27
CA GLN B 11 10.80 -14.54 -3.91
C GLN B 11 9.30 -14.57 -3.59
N ALA B 12 8.68 -13.39 -3.41
CA ALA B 12 7.27 -13.31 -3.06
C ALA B 12 6.43 -13.19 -4.34
N LEU B 13 7.06 -13.33 -5.49
CA LEU B 13 6.38 -13.22 -6.80
C LEU B 13 5.28 -14.28 -6.92
N GLY B 14 4.11 -13.90 -7.44
CA GLY B 14 3.13 -14.94 -7.76
C GLY B 14 2.44 -15.51 -6.50
N ASN B 15 1.90 -16.74 -6.60
CA ASN B 15 1.10 -17.33 -5.53
C ASN B 15 0.06 -16.37 -5.00
N THR B 16 -0.68 -15.78 -5.94
CA THR B 16 -1.63 -14.73 -5.63
C THR B 16 -2.98 -15.36 -5.24
N PRO B 17 -3.76 -14.62 -4.46
CA PRO B 17 -5.02 -15.20 -4.03
C PRO B 17 -6.04 -15.34 -5.16
N LEU B 18 -6.90 -16.37 -5.00
CA LEU B 18 -8.08 -16.53 -5.86
C LEU B 18 -9.28 -16.36 -4.90
N VAL B 19 -10.16 -15.38 -5.19
CA VAL B 19 -11.21 -14.94 -4.29
C VAL B 19 -12.60 -15.13 -4.93
N GLY B 20 -13.50 -15.81 -4.22
CA GLY B 20 -14.87 -16.02 -4.76
C GLY B 20 -15.63 -14.71 -4.75
N LEU B 21 -16.46 -14.52 -5.77
CA LEU B 21 -17.34 -13.36 -5.87
C LEU B 21 -18.77 -13.83 -5.62
N GLN B 22 -19.09 -13.98 -4.35
CA GLN B 22 -20.41 -14.55 -4.01
C GLN B 22 -21.60 -13.71 -4.45
N ARG B 23 -21.42 -12.39 -4.56
CA ARG B 23 -22.55 -11.51 -4.95
C ARG B 23 -22.64 -11.27 -6.45
N LEU B 24 -21.47 -11.14 -7.08
CA LEU B 24 -21.51 -10.92 -8.49
C LEU B 24 -21.76 -12.23 -9.25
N SER B 25 -21.46 -13.38 -8.65
CA SER B 25 -21.67 -14.68 -9.35
C SER B 25 -23.16 -14.83 -9.68
N PRO B 26 -23.43 -15.31 -10.89
CA PRO B 26 -24.87 -15.57 -11.18
C PRO B 26 -25.53 -16.50 -10.17
N ARG B 27 -24.85 -17.52 -9.66
CA ARG B 27 -25.46 -18.37 -8.59
C ARG B 27 -24.37 -19.05 -7.76
N TRP B 28 -24.08 -18.45 -6.61
CA TRP B 28 -22.99 -19.01 -5.81
C TRP B 28 -23.30 -20.42 -5.23
N ASP B 29 -24.52 -20.58 -4.75
CA ASP B 29 -24.99 -21.80 -4.08
C ASP B 29 -25.71 -22.76 -5.05
N ASP B 30 -25.37 -24.05 -5.02
CA ASP B 30 -26.15 -25.06 -5.75
C ASP B 30 -27.50 -25.12 -5.07
N GLY B 31 -28.54 -25.35 -5.85
CA GLY B 31 -29.86 -25.52 -5.22
C GLY B 31 -30.92 -26.06 -6.18
N ARG B 32 -32.18 -25.85 -5.81
CA ARG B 32 -33.29 -26.37 -6.56
C ARG B 32 -33.37 -25.88 -8.00
N ASP B 33 -32.87 -24.66 -8.26
CA ASP B 33 -32.98 -24.06 -9.60
C ASP B 33 -31.81 -24.49 -10.51
N GLY B 34 -30.89 -25.27 -9.93
CA GLY B 34 -29.78 -25.81 -10.71
C GLY B 34 -28.40 -25.60 -10.07
N PRO B 35 -27.34 -26.02 -10.79
CA PRO B 35 -25.98 -25.98 -10.25
C PRO B 35 -25.43 -24.54 -10.12
N HIS B 36 -24.38 -24.46 -9.30
CA HIS B 36 -23.76 -23.15 -9.14
C HIS B 36 -23.10 -22.65 -10.43
N VAL B 37 -23.06 -21.31 -10.50
CA VAL B 37 -22.27 -20.60 -11.51
C VAL B 37 -21.47 -19.56 -10.74
N ARG B 38 -20.18 -19.89 -10.57
CA ARG B 38 -19.31 -19.09 -9.68
C ARG B 38 -18.22 -18.37 -10.46
N LEU B 39 -17.98 -17.13 -10.02
CA LEU B 39 -16.84 -16.33 -10.53
C LEU B 39 -15.78 -16.32 -9.44
N TRP B 40 -14.55 -16.47 -9.88
CA TRP B 40 -13.40 -16.45 -8.93
C TRP B 40 -12.40 -15.47 -9.49
N ALA B 41 -11.96 -14.50 -8.67
CA ALA B 41 -11.03 -13.47 -9.14
C ALA B 41 -9.61 -13.78 -8.73
N LYS B 42 -8.70 -13.84 -9.70
CA LYS B 42 -7.30 -14.13 -9.45
C LYS B 42 -6.63 -12.74 -9.31
N LEU B 43 -6.15 -12.45 -8.09
CA LEU B 43 -5.76 -11.06 -7.73
C LEU B 43 -4.28 -10.82 -8.03
N GLU B 44 -4.01 -10.53 -9.29
CA GLU B 44 -2.61 -10.38 -9.77
C GLU B 44 -2.06 -9.01 -9.34
N ASP B 45 -2.91 -8.13 -8.77
CA ASP B 45 -2.39 -6.89 -8.21
C ASP B 45 -1.59 -7.14 -6.91
N ARG B 46 -1.66 -8.37 -6.40
CA ARG B 46 -0.92 -8.73 -5.15
C ARG B 46 0.56 -8.97 -5.41
N ASN B 47 0.96 -8.98 -6.68
CA ASN B 47 2.37 -9.08 -7.02
C ASN B 47 3.23 -7.86 -6.59
N PRO B 48 4.55 -8.05 -6.55
CA PRO B 48 5.42 -6.99 -6.04
C PRO B 48 5.10 -5.58 -6.46
N THR B 49 4.91 -5.31 -7.77
CA THR B 49 4.64 -3.96 -8.25
C THR B 49 3.16 -3.66 -8.53
N GLY B 50 2.33 -4.64 -8.19
CA GLY B 50 0.89 -4.45 -8.27
C GLY B 50 0.32 -4.80 -9.67
N SER B 51 1.02 -5.59 -10.47
CA SER B 51 0.38 -6.16 -11.65
C SER B 51 0.93 -7.47 -12.04
N ILE B 52 0.17 -8.11 -12.94
CA ILE B 52 0.52 -9.45 -13.44
C ILE B 52 1.89 -9.44 -14.17
N LYS B 53 2.34 -8.25 -14.57
CA LYS B 53 3.57 -8.19 -15.45
C LYS B 53 4.82 -8.54 -14.68
N ASP B 54 4.73 -8.60 -13.35
CA ASP B 54 5.90 -9.07 -12.58
C ASP B 54 6.28 -10.47 -13.04
N ARG B 55 5.30 -11.29 -13.41
CA ARG B 55 5.62 -12.68 -13.86
C ARG B 55 6.42 -12.72 -15.13
N PRO B 56 5.92 -12.19 -16.25
CA PRO B 56 6.79 -12.23 -17.46
C PRO B 56 8.07 -11.41 -17.33
N ALA B 57 8.05 -10.27 -16.60
CA ALA B 57 9.27 -9.48 -16.48
C ALA B 57 10.36 -10.28 -15.78
N VAL B 58 10.08 -10.93 -14.67
CA VAL B 58 11.07 -11.72 -13.97
C VAL B 58 11.56 -12.86 -14.90
N ARG B 59 10.62 -13.50 -15.59
CA ARG B 59 10.96 -14.68 -16.39
C ARG B 59 11.82 -14.24 -17.57
N MET B 60 11.50 -13.13 -18.23
CA MET B 60 12.26 -12.64 -19.37
C MET B 60 13.67 -12.36 -18.90
N ILE B 61 13.80 -11.73 -17.74
CA ILE B 61 15.16 -11.48 -17.24
C ILE B 61 15.90 -12.77 -16.93
N GLU B 62 15.28 -13.67 -16.18
CA GLU B 62 15.91 -14.94 -15.78
C GLU B 62 16.31 -15.80 -16.98
N GLN B 63 15.52 -15.74 -18.04
CA GLN B 63 15.83 -16.50 -19.30
C GLN B 63 17.04 -15.90 -20.02
N ALA B 64 17.05 -14.58 -20.11
CA ALA B 64 18.19 -13.86 -20.67
C ALA B 64 19.46 -14.10 -19.82
N GLU B 65 19.34 -14.19 -18.50
CA GLU B 65 20.50 -14.58 -17.67
C GLU B 65 20.98 -16.00 -18.06
N ALA B 66 20.04 -16.95 -18.07
CA ALA B 66 20.37 -18.35 -18.44
C ALA B 66 21.02 -18.48 -19.83
N ASP B 67 20.59 -17.65 -20.78
CA ASP B 67 21.04 -17.72 -22.18
C ASP B 67 22.32 -16.92 -22.36
N GLY B 68 22.90 -16.52 -21.23
CA GLY B 68 24.11 -15.66 -21.19
C GLY B 68 23.98 -14.27 -21.82
N LEU B 69 22.76 -13.79 -22.06
CA LEU B 69 22.56 -12.49 -22.71
C LEU B 69 22.70 -11.34 -21.73
N LEU B 70 22.44 -11.63 -20.46
CA LEU B 70 22.52 -10.63 -19.40
C LEU B 70 23.61 -11.01 -18.43
N ARG B 71 24.55 -10.09 -18.29
CA ARG B 71 25.70 -10.25 -17.42
C ARG B 71 25.64 -9.11 -16.41
N PRO B 72 26.34 -9.28 -15.26
CA PRO B 72 26.25 -8.23 -14.20
C PRO B 72 26.34 -6.74 -14.68
N GLY B 73 25.38 -5.92 -14.24
CA GLY B 73 25.41 -4.50 -14.56
C GLY B 73 24.99 -4.06 -15.93
N ALA B 74 24.50 -5.02 -16.73
CA ALA B 74 24.03 -4.72 -18.09
C ALA B 74 22.88 -3.73 -18.11
N THR B 75 22.72 -3.09 -19.27
CA THR B 75 21.59 -2.19 -19.55
C THR B 75 20.49 -2.90 -20.33
N ILE B 76 19.25 -2.84 -19.81
CA ILE B 76 18.05 -3.31 -20.51
C ILE B 76 17.35 -2.11 -21.15
N LEU B 77 16.91 -2.28 -22.38
CA LEU B 77 16.23 -1.24 -23.11
C LEU B 77 14.82 -1.75 -23.48
N GLU B 78 13.81 -0.91 -23.21
CA GLU B 78 12.41 -1.28 -23.29
C GLU B 78 11.55 -0.15 -23.83
N PRO B 79 10.91 -0.35 -24.98
CA PRO B 79 9.99 0.64 -25.51
C PRO B 79 8.54 0.63 -24.93
N THR B 80 8.41 0.55 -23.60
CA THR B 80 7.14 0.39 -22.85
C THR B 80 7.09 1.51 -21.81
N SER B 81 5.91 1.98 -21.41
CA SER B 81 5.79 3.00 -20.34
C SER B 81 4.78 2.51 -19.28
N GLY B 82 4.37 1.24 -19.38
CA GLY B 82 3.26 0.69 -18.58
C GLY B 82 3.72 -0.36 -17.58
N ASN B 83 2.83 -1.31 -17.34
CA ASN B 83 3.01 -2.27 -16.33
C ASN B 83 4.28 -3.11 -16.53
N THR B 84 4.58 -3.51 -17.77
CA THR B 84 5.86 -4.24 -17.98
C THR B 84 7.10 -3.39 -17.71
N GLY B 85 7.03 -2.10 -18.12
CA GLY B 85 8.09 -1.17 -17.76
C GLY B 85 8.31 -1.11 -16.27
N ILE B 86 7.22 -1.02 -15.48
CA ILE B 86 7.36 -0.93 -14.04
C ILE B 86 7.95 -2.23 -13.47
N SER B 87 7.43 -3.39 -13.90
CA SER B 87 7.90 -4.64 -13.42
C SER B 87 9.42 -4.87 -13.76
N LEU B 88 9.76 -4.52 -14.99
CA LEU B 88 11.18 -4.68 -15.39
C LEU B 88 12.06 -3.75 -14.61
N ALA B 89 11.54 -2.56 -14.34
CA ALA B 89 12.29 -1.58 -13.53
C ALA B 89 12.55 -2.13 -12.13
N MET B 90 11.56 -2.71 -11.43
CA MET B 90 11.76 -3.30 -10.13
C MET B 90 12.72 -4.47 -10.20
N ALA B 91 12.52 -5.33 -11.19
CA ALA B 91 13.32 -6.51 -11.31
C ALA B 91 14.77 -6.18 -11.68
N ALA B 92 14.95 -5.24 -12.60
CA ALA B 92 16.31 -4.83 -13.02
C ALA B 92 17.03 -4.27 -11.78
N ARG B 93 16.34 -3.48 -10.99
CA ARG B 93 16.91 -2.84 -9.82
C ARG B 93 17.43 -3.84 -8.81
N LEU B 94 16.63 -4.87 -8.52
CA LEU B 94 16.94 -5.87 -7.49
C LEU B 94 18.04 -6.84 -7.91
N LYS B 95 18.20 -6.96 -9.23
CA LYS B 95 19.23 -7.82 -9.80
C LYS B 95 20.48 -7.07 -10.23
N GLY B 96 20.47 -5.73 -10.18
CA GLY B 96 21.66 -4.92 -10.54
C GLY B 96 21.79 -4.40 -11.98
N TYR B 97 20.69 -4.42 -12.74
CA TYR B 97 20.69 -3.90 -14.11
C TYR B 97 20.20 -2.46 -14.22
N ARG B 98 20.59 -1.79 -15.30
CA ARG B 98 20.03 -0.50 -15.64
C ARG B 98 18.90 -0.75 -16.57
N LEU B 99 17.86 0.06 -16.47
CA LEU B 99 16.75 -0.06 -17.36
C LEU B 99 16.53 1.28 -18.00
N ILE B 100 16.45 1.28 -19.32
CA ILE B 100 16.12 2.44 -20.08
C ILE B 100 14.80 2.24 -20.79
N CYS B 101 13.88 3.17 -20.58
CA CYS B 101 12.54 3.09 -21.14
CA CYS B 101 12.56 3.08 -21.12
C CYS B 101 12.32 4.19 -22.15
N VAL B 102 11.78 3.80 -23.31
CA VAL B 102 11.47 4.71 -24.37
C VAL B 102 9.97 4.83 -24.50
N MET B 103 9.51 6.07 -24.51
CA MET B 103 8.09 6.38 -24.55
C MET B 103 7.84 7.73 -25.22
N PRO B 104 6.68 7.87 -25.85
CA PRO B 104 6.21 9.14 -26.43
C PRO B 104 6.34 10.31 -25.44
N GLU B 105 6.64 11.52 -25.94
CA GLU B 105 6.86 12.67 -25.07
C GLU B 105 5.59 13.16 -24.42
N ASN B 106 4.44 12.71 -24.96
CA ASN B 106 3.13 13.09 -24.47
C ASN B 106 2.50 11.99 -23.57
N THR B 107 3.36 11.10 -23.10
CA THR B 107 3.03 10.16 -22.01
C THR B 107 2.70 10.99 -20.76
N SER B 108 1.65 10.59 -20.02
CA SER B 108 1.22 11.30 -18.80
C SER B 108 2.42 11.43 -17.90
N VAL B 109 2.48 12.55 -17.17
CA VAL B 109 3.56 12.75 -16.21
C VAL B 109 3.57 11.67 -15.11
N GLU B 110 2.38 11.23 -14.70
CA GLU B 110 2.27 10.21 -13.64
C GLU B 110 2.89 8.88 -14.04
N ARG B 111 2.68 8.44 -15.29
CA ARG B 111 3.29 7.19 -15.80
C ARG B 111 4.80 7.36 -15.82
N ARG B 112 5.22 8.51 -16.35
CA ARG B 112 6.67 8.80 -16.39
C ARG B 112 7.26 8.78 -14.98
N GLN B 113 6.59 9.43 -14.02
CA GLN B 113 7.12 9.55 -12.69
C GLN B 113 7.17 8.21 -11.93
N LEU B 114 6.25 7.29 -12.22
CA LEU B 114 6.29 5.99 -11.56
C LEU B 114 7.49 5.20 -12.03
N LEU B 115 7.73 5.22 -13.35
CA LEU B 115 8.92 4.58 -13.87
C LEU B 115 10.21 5.12 -13.24
N GLU B 116 10.28 6.45 -13.13
CA GLU B 116 11.50 7.04 -12.60
C GLU B 116 11.71 6.65 -11.13
N LEU B 117 10.61 6.57 -10.37
CA LEU B 117 10.75 6.22 -8.98
C LEU B 117 11.38 4.83 -8.76
N TYR B 118 11.07 3.91 -9.66
CA TYR B 118 11.67 2.58 -9.57
C TYR B 118 13.06 2.51 -10.19
N GLY B 119 13.47 3.57 -10.86
CA GLY B 119 14.88 3.67 -11.30
C GLY B 119 15.12 3.72 -12.80
N ALA B 120 14.07 3.69 -13.59
CA ALA B 120 14.21 3.71 -15.03
C ALA B 120 14.69 5.07 -15.53
N GLN B 121 15.54 5.08 -16.54
CA GLN B 121 15.91 6.33 -17.21
C GLN B 121 15.06 6.38 -18.44
N ILE B 122 14.55 7.56 -18.77
CA ILE B 122 13.59 7.74 -19.86
C ILE B 122 14.25 8.42 -21.06
N ILE B 123 13.92 7.93 -22.26
CA ILE B 123 14.23 8.65 -23.49
C ILE B 123 12.91 8.87 -24.20
N PHE B 124 12.59 10.12 -24.49
CA PHE B 124 11.32 10.43 -25.14
C PHE B 124 11.38 10.29 -26.65
N SER B 125 10.28 9.81 -27.23
CA SER B 125 10.18 9.72 -28.69
C SER B 125 9.05 10.64 -29.14
N ALA B 126 8.97 10.84 -30.46
CA ALA B 126 7.98 11.72 -31.08
C ALA B 126 6.54 11.29 -30.77
N ALA B 127 5.73 12.22 -30.26
CA ALA B 127 4.32 11.94 -29.93
C ALA B 127 3.45 11.46 -31.12
N ASN B 132 4.17 2.44 -31.75
CA ASN B 132 5.21 2.05 -32.72
C ASN B 132 5.84 3.27 -33.38
N THR B 133 6.85 3.78 -32.71
CA THR B 133 7.56 5.02 -33.00
C THR B 133 8.54 5.04 -31.83
N ALA B 134 8.00 4.73 -30.65
CA ALA B 134 8.79 4.42 -29.47
C ALA B 134 9.61 3.15 -29.68
N VAL B 135 8.98 2.11 -30.25
CA VAL B 135 9.70 0.89 -30.62
C VAL B 135 10.80 1.19 -31.68
N ALA B 136 10.45 2.03 -32.65
CA ALA B 136 11.39 2.51 -33.68
C ALA B 136 12.58 3.30 -33.10
N THR B 137 12.32 4.15 -32.11
CA THR B 137 13.41 4.89 -31.44
C THR B 137 14.27 3.93 -30.62
N ALA B 138 13.61 3.01 -29.91
CA ALA B 138 14.29 1.98 -29.15
C ALA B 138 15.21 1.21 -30.07
N LYS B 139 14.73 0.85 -31.25
CA LYS B 139 15.56 0.15 -32.23
C LYS B 139 16.82 0.92 -32.74
N GLU B 140 16.71 2.21 -33.06
CA GLU B 140 17.93 2.99 -33.40
C GLU B 140 18.92 3.03 -32.24
N LEU B 141 18.42 3.22 -31.02
CA LEU B 141 19.24 3.17 -29.81
C LEU B 141 19.90 1.81 -29.59
N ALA B 142 19.23 0.73 -30.02
CA ALA B 142 19.84 -0.59 -29.95
C ALA B 142 21.06 -0.61 -30.88
N ALA B 143 20.86 -0.16 -32.12
CA ALA B 143 21.97 0.02 -33.08
C ALA B 143 23.11 0.80 -32.45
N THR B 144 22.92 2.10 -32.26
CA THR B 144 23.98 2.98 -31.75
C THR B 144 24.60 2.58 -30.39
N ASN B 145 24.01 1.62 -29.67
CA ASN B 145 24.48 1.37 -28.31
C ASN B 145 24.91 -0.03 -27.93
N PRO B 146 25.97 -0.09 -27.13
CA PRO B 146 26.82 -1.29 -26.97
C PRO B 146 26.24 -2.42 -26.11
N SER B 147 25.65 -3.42 -26.79
CA SER B 147 25.07 -4.58 -26.11
C SER B 147 24.09 -4.21 -24.99
N TRP B 148 23.27 -3.19 -25.25
CA TRP B 148 22.03 -2.97 -24.50
C TRP B 148 21.16 -4.17 -24.86
N VAL B 149 20.40 -4.69 -23.91
CA VAL B 149 19.52 -5.83 -24.20
C VAL B 149 18.03 -5.41 -24.31
N MET B 150 17.41 -5.63 -25.47
CA MET B 150 15.94 -5.53 -25.64
C MET B 150 15.39 -6.92 -25.43
N LEU B 151 14.27 -6.94 -24.81
CA LEU B 151 13.67 -8.23 -24.46
C LEU B 151 12.41 -8.51 -25.29
N TYR B 152 11.80 -7.55 -25.77
CA TYR B 152 10.58 -7.65 -26.60
C TYR B 152 9.47 -8.57 -26.03
N GLN B 153 8.63 -8.02 -25.17
CA GLN B 153 7.50 -8.79 -24.58
C GLN B 153 6.45 -9.40 -25.55
N TYR B 154 6.19 -8.78 -26.70
CA TYR B 154 5.16 -9.31 -27.65
C TYR B 154 5.52 -10.66 -28.30
N GLY B 155 6.67 -10.79 -28.92
CA GLY B 155 6.99 -12.15 -29.37
C GLY B 155 7.63 -13.08 -28.36
N ASN B 156 7.81 -12.61 -27.14
CA ASN B 156 8.70 -13.28 -26.22
C ASN B 156 8.18 -14.60 -25.60
N PRO B 157 8.87 -15.73 -25.84
CA PRO B 157 8.40 -17.01 -25.26
C PRO B 157 8.40 -17.03 -23.74
N ALA B 158 9.26 -16.23 -23.12
CA ALA B 158 9.37 -16.21 -21.68
C ALA B 158 8.13 -15.54 -21.04
N ASN B 159 7.48 -14.69 -21.80
CA ASN B 159 6.23 -14.07 -21.39
C ASN B 159 5.14 -15.18 -21.24
N THR B 160 4.84 -15.92 -22.29
CA THR B 160 3.91 -17.03 -22.20
C THR B 160 4.38 -18.06 -21.18
N ASP B 161 5.67 -18.42 -21.16
CA ASP B 161 6.13 -19.44 -20.19
C ASP B 161 5.88 -19.08 -18.71
N SER B 162 5.88 -17.76 -18.42
CA SER B 162 5.69 -17.35 -17.06
C SER B 162 4.27 -17.73 -16.61
N HIS B 163 3.32 -17.67 -17.54
CA HIS B 163 1.93 -18.10 -17.22
C HIS B 163 1.69 -19.61 -17.30
N TYR B 164 2.39 -20.24 -18.22
CA TYR B 164 2.36 -21.70 -18.33
C TYR B 164 2.92 -22.34 -17.09
N CYS B 165 3.96 -21.72 -16.52
CA CYS B 165 4.63 -22.26 -15.34
C CYS B 165 4.14 -21.67 -14.00
N GLY B 166 3.43 -20.53 -14.04
CA GLY B 166 3.03 -19.78 -12.82
C GLY B 166 1.52 -19.74 -12.69
N THR B 167 0.93 -18.87 -13.46
CA THR B 167 -0.50 -18.58 -13.37
C THR B 167 -1.35 -19.83 -13.56
N GLY B 168 -1.07 -20.61 -14.62
CA GLY B 168 -1.83 -21.85 -14.87
C GLY B 168 -1.75 -22.84 -13.72
N PRO B 169 -0.53 -23.26 -13.34
CA PRO B 169 -0.42 -24.19 -12.22
C PRO B 169 -1.10 -23.72 -10.91
N GLU B 170 -0.99 -22.43 -10.58
CA GLU B 170 -1.66 -21.91 -9.39
C GLU B 170 -3.19 -22.00 -9.49
N LEU B 171 -3.72 -21.67 -10.66
CA LEU B 171 -5.18 -21.79 -10.86
C LEU B 171 -5.65 -23.23 -10.74
N LEU B 172 -4.92 -24.16 -11.34
CA LEU B 172 -5.34 -25.57 -11.24
C LEU B 172 -5.28 -26.07 -9.77
N ALA B 173 -4.22 -25.64 -9.05
CA ALA B 173 -4.10 -26.04 -7.64
C ALA B 173 -5.22 -25.50 -6.80
N ASP B 174 -5.62 -24.23 -7.04
CA ASP B 174 -6.66 -23.64 -6.19
C ASP B 174 -8.10 -24.01 -6.66
N LEU B 175 -8.23 -24.29 -7.96
CA LEU B 175 -9.56 -24.44 -8.57
C LEU B 175 -9.58 -25.64 -9.52
N PRO B 176 -9.36 -26.85 -9.00
CA PRO B 176 -9.37 -28.01 -9.87
C PRO B 176 -10.66 -28.18 -10.63
N GLU B 177 -11.73 -27.60 -10.11
CA GLU B 177 -13.06 -27.68 -10.73
C GLU B 177 -13.27 -26.63 -11.85
N ILE B 178 -12.23 -25.86 -12.16
CA ILE B 178 -12.34 -24.80 -13.20
C ILE B 178 -12.99 -25.30 -14.49
N THR B 179 -13.94 -24.50 -15.00
CA THR B 179 -14.59 -24.79 -16.27
C THR B 179 -14.23 -23.74 -17.32
N HIS B 180 -13.88 -22.50 -16.89
CA HIS B 180 -13.61 -21.40 -17.85
C HIS B 180 -12.52 -20.53 -17.25
N PHE B 181 -11.70 -20.00 -18.16
CA PHE B 181 -10.67 -18.99 -17.79
C PHE B 181 -10.88 -17.79 -18.67
N VAL B 182 -10.98 -16.61 -18.01
CA VAL B 182 -11.17 -15.35 -18.74
C VAL B 182 -10.04 -14.36 -18.41
N ALA B 183 -9.43 -13.85 -19.45
CA ALA B 183 -8.35 -12.85 -19.25
C ALA B 183 -8.31 -11.86 -20.36
N GLY B 184 -7.59 -10.75 -20.16
CA GLY B 184 -7.45 -9.72 -21.14
C GLY B 184 -6.53 -10.14 -22.27
N LEU B 185 -6.54 -9.37 -23.34
CA LEU B 185 -5.80 -9.71 -24.55
C LEU B 185 -4.94 -8.54 -24.94
N GLY B 186 -3.66 -8.58 -24.58
CA GLY B 186 -2.68 -7.54 -24.84
C GLY B 186 -1.51 -8.19 -25.61
N THR B 187 -0.45 -8.57 -24.91
CA THR B 187 0.67 -9.31 -25.55
C THR B 187 0.20 -10.71 -25.93
N THR B 188 -0.93 -11.13 -25.36
CA THR B 188 -1.47 -12.52 -25.41
C THR B 188 -0.79 -13.56 -24.49
N GLY B 189 0.25 -13.15 -23.75
CA GLY B 189 0.94 -14.10 -22.94
C GLY B 189 0.09 -14.78 -21.89
N THR B 190 -0.75 -13.98 -21.22
CA THR B 190 -1.62 -14.54 -20.18
C THR B 190 -2.53 -15.66 -20.71
N LEU B 191 -3.25 -15.34 -21.77
CA LEU B 191 -4.17 -16.32 -22.36
C LEU B 191 -3.42 -17.47 -22.97
N MET B 192 -2.34 -17.19 -23.69
CA MET B 192 -1.64 -18.32 -24.38
CA MET B 192 -1.67 -18.30 -24.40
C MET B 192 -1.02 -19.29 -23.43
N GLY B 193 -0.27 -18.76 -22.46
CA GLY B 193 0.42 -19.61 -21.49
C GLY B 193 -0.56 -20.27 -20.52
N THR B 194 -1.46 -19.46 -19.90
CA THR B 194 -2.31 -20.05 -18.92
C THR B 194 -3.29 -21.02 -19.61
N GLY B 195 -3.75 -20.64 -20.81
CA GLY B 195 -4.72 -21.46 -21.58
C GLY B 195 -4.10 -22.77 -22.00
N ARG B 196 -2.85 -22.74 -22.45
CA ARG B 196 -2.20 -24.00 -22.85
C ARG B 196 -2.13 -24.92 -21.63
N PHE B 197 -1.70 -24.41 -20.46
CA PHE B 197 -1.57 -25.23 -19.31
C PHE B 197 -2.92 -25.82 -18.90
N LEU B 198 -3.94 -24.99 -18.86
CA LEU B 198 -5.24 -25.49 -18.44
C LEU B 198 -5.78 -26.50 -19.44
N ARG B 199 -5.62 -26.25 -20.73
CA ARG B 199 -6.15 -27.18 -21.74
C ARG B 199 -5.44 -28.51 -21.68
N GLU B 200 -4.17 -28.51 -21.27
CA GLU B 200 -3.44 -29.79 -21.12
C GLU B 200 -3.90 -30.61 -19.93
N HIS B 201 -4.54 -29.99 -18.92
CA HIS B 201 -4.84 -30.62 -17.62
C HIS B 201 -6.30 -30.75 -17.23
N VAL B 202 -7.15 -30.01 -17.92
CA VAL B 202 -8.57 -29.95 -17.61
C VAL B 202 -9.34 -30.19 -18.87
N ALA B 203 -9.89 -31.40 -18.94
CA ALA B 203 -10.76 -31.77 -20.00
C ALA B 203 -11.89 -30.75 -20.23
N ASN B 204 -12.04 -30.32 -21.46
CA ASN B 204 -13.16 -29.47 -21.87
C ASN B 204 -13.14 -28.04 -21.27
N VAL B 205 -12.03 -27.64 -20.65
CA VAL B 205 -11.94 -26.23 -20.15
C VAL B 205 -12.11 -25.25 -21.30
N LYS B 206 -12.73 -24.10 -21.04
CA LYS B 206 -12.96 -23.10 -22.08
C LYS B 206 -12.10 -21.87 -21.79
N ILE B 207 -11.43 -21.36 -22.81
CA ILE B 207 -10.58 -20.16 -22.69
C ILE B 207 -11.20 -19.01 -23.46
N VAL B 208 -11.41 -17.88 -22.74
CA VAL B 208 -12.16 -16.79 -23.25
C VAL B 208 -11.35 -15.52 -23.12
N ALA B 209 -11.27 -14.76 -24.19
CA ALA B 209 -10.51 -13.50 -24.23
C ALA B 209 -11.42 -12.31 -24.05
N ALA B 210 -10.96 -11.29 -23.33
CA ALA B 210 -11.66 -10.04 -23.16
C ALA B 210 -10.77 -8.98 -23.73
N GLU B 211 -11.16 -8.34 -24.80
CA GLU B 211 -10.25 -7.40 -25.41
C GLU B 211 -10.87 -6.02 -25.27
N PRO B 212 -10.16 -5.12 -24.58
CA PRO B 212 -10.66 -3.77 -24.55
C PRO B 212 -10.77 -3.15 -25.94
N ARG B 213 -11.92 -2.58 -26.26
CA ARG B 213 -12.11 -1.67 -27.38
C ARG B 213 -12.00 -0.22 -26.93
N TYR B 214 -10.86 0.05 -26.28
CA TYR B 214 -10.54 1.37 -25.76
C TYR B 214 -9.05 1.39 -25.47
N GLY B 215 -8.50 2.58 -25.28
CA GLY B 215 -7.12 2.70 -24.84
C GLY B 215 -6.30 3.01 -26.06
N GLU B 216 -5.00 2.80 -25.98
CA GLU B 216 -4.17 3.07 -27.15
C GLU B 216 -4.36 2.04 -28.28
N GLY B 217 -4.44 0.77 -27.93
CA GLY B 217 -4.50 -0.29 -28.93
C GLY B 217 -3.08 -0.55 -29.43
N VAL B 218 -2.14 -0.68 -28.49
CA VAL B 218 -0.74 -1.02 -28.80
C VAL B 218 -0.66 -2.33 -29.61
N TYR B 219 -1.33 -3.36 -29.10
CA TYR B 219 -1.29 -4.67 -29.74
C TYR B 219 -2.57 -5.04 -30.49
N ALA B 220 -3.48 -4.07 -30.58
CA ALA B 220 -4.82 -4.26 -31.17
C ALA B 220 -4.72 -4.59 -32.66
N LEU B 221 -3.86 -3.87 -33.40
CA LEU B 221 -3.67 -4.16 -34.83
C LEU B 221 -3.03 -5.53 -34.99
N ARG B 222 -2.02 -5.77 -34.18
CA ARG B 222 -1.32 -7.01 -34.16
C ARG B 222 -2.26 -8.19 -33.97
N ASN B 223 -3.16 -8.04 -32.99
CA ASN B 223 -4.02 -9.11 -32.59
C ASN B 223 -5.17 -9.35 -33.57
N MET B 224 -5.33 -8.48 -34.57
CA MET B 224 -6.30 -8.69 -35.67
C MET B 224 -5.71 -9.57 -36.79
N ASP B 225 -4.41 -9.88 -36.71
CA ASP B 225 -3.72 -10.49 -37.86
C ASP B 225 -3.31 -11.92 -37.53
N GLU B 226 -3.90 -12.90 -38.19
CA GLU B 226 -3.56 -14.28 -37.93
C GLU B 226 -2.08 -14.64 -38.20
N GLY B 227 -1.41 -13.84 -39.00
CA GLY B 227 0.05 -14.04 -39.15
C GLY B 227 0.81 -13.83 -37.88
N PHE B 228 0.30 -12.92 -37.02
CA PHE B 228 0.99 -12.63 -35.74
C PHE B 228 0.57 -13.48 -34.61
N VAL B 229 -0.73 -13.79 -34.57
CA VAL B 229 -1.30 -14.45 -33.43
C VAL B 229 -2.22 -15.55 -33.94
N PRO B 230 -1.66 -16.55 -34.63
CA PRO B 230 -2.53 -17.60 -35.18
C PRO B 230 -3.39 -18.34 -34.20
N GLU B 231 -2.90 -18.54 -32.98
CA GLU B 231 -3.66 -19.31 -31.99
C GLU B 231 -4.98 -18.61 -31.64
N LEU B 232 -4.99 -17.28 -31.74
CA LEU B 232 -6.19 -16.55 -31.28
C LEU B 232 -7.39 -16.95 -32.14
N TYR B 233 -7.14 -17.48 -33.34
CA TYR B 233 -8.20 -17.72 -34.36
C TYR B 233 -8.50 -19.19 -34.57
N ASP B 234 -8.01 -20.04 -33.65
CA ASP B 234 -8.32 -21.46 -33.61
C ASP B 234 -9.39 -21.71 -32.58
N PRO B 235 -10.60 -22.13 -33.02
CA PRO B 235 -11.67 -22.35 -32.01
C PRO B 235 -11.39 -23.40 -30.98
N GLU B 236 -10.38 -24.27 -31.22
CA GLU B 236 -10.08 -25.27 -30.24
C GLU B 236 -9.11 -24.76 -29.18
N ILE B 237 -8.55 -23.58 -29.40
CA ILE B 237 -7.60 -22.98 -28.50
C ILE B 237 -8.30 -21.81 -27.74
N LEU B 238 -8.99 -20.97 -28.49
CA LEU B 238 -9.74 -19.86 -27.90
C LEU B 238 -11.22 -20.03 -28.26
N THR B 239 -12.04 -20.24 -27.24
CA THR B 239 -13.47 -20.52 -27.45
C THR B 239 -14.19 -19.30 -27.96
N ALA B 240 -13.89 -18.14 -27.32
CA ALA B 240 -14.58 -16.94 -27.67
C ALA B 240 -13.80 -15.76 -27.28
N ARG B 241 -14.15 -14.65 -27.90
CA ARG B 241 -13.52 -13.37 -27.62
C ARG B 241 -14.57 -12.29 -27.47
N TYR B 242 -14.55 -11.51 -26.38
CA TYR B 242 -15.47 -10.38 -26.20
C TYR B 242 -14.75 -9.12 -26.53
N SER B 243 -15.35 -8.27 -27.37
CA SER B 243 -14.81 -6.93 -27.60
C SER B 243 -15.62 -5.96 -26.75
N VAL B 244 -14.96 -5.30 -25.80
CA VAL B 244 -15.66 -4.56 -24.76
C VAL B 244 -15.39 -3.08 -24.80
N GLY B 245 -16.48 -2.33 -24.94
CA GLY B 245 -16.37 -0.88 -24.95
C GLY B 245 -16.10 -0.27 -23.58
N ALA B 246 -15.70 0.99 -23.60
CA ALA B 246 -15.39 1.72 -22.39
C ALA B 246 -16.57 1.87 -21.41
N VAL B 247 -17.77 2.12 -21.95
CA VAL B 247 -18.92 2.34 -21.08
C VAL B 247 -19.23 1.03 -20.29
N ASP B 248 -19.16 -0.10 -20.98
CA ASP B 248 -19.35 -1.37 -20.28
C ASP B 248 -18.23 -1.66 -19.30
N ALA B 249 -16.99 -1.37 -19.70
CA ALA B 249 -15.87 -1.58 -18.75
C ALA B 249 -16.01 -0.73 -17.51
N VAL B 250 -16.40 0.54 -17.70
CA VAL B 250 -16.57 1.46 -16.54
C VAL B 250 -17.71 0.91 -15.66
N ARG B 251 -18.86 0.53 -16.22
CA ARG B 251 -19.93 0.02 -15.39
C ARG B 251 -19.45 -1.19 -14.59
N ARG B 252 -18.66 -2.05 -15.24
CA ARG B 252 -18.30 -3.30 -14.56
C ARG B 252 -17.29 -3.03 -13.45
N THR B 253 -16.37 -2.10 -13.66
CA THR B 253 -15.44 -1.90 -12.55
C THR B 253 -16.16 -1.23 -11.39
N ARG B 254 -17.12 -0.34 -11.67
CA ARG B 254 -17.94 0.18 -10.51
C ARG B 254 -18.75 -0.90 -9.79
N GLU B 255 -19.33 -1.80 -10.59
CA GLU B 255 -20.10 -2.87 -10.03
C GLU B 255 -19.23 -3.74 -9.14
N LEU B 256 -17.97 -4.00 -9.58
CA LEU B 256 -17.13 -4.91 -8.81
C LEU B 256 -16.77 -4.25 -7.46
N VAL B 257 -16.53 -2.94 -7.47
CA VAL B 257 -16.02 -2.32 -6.22
C VAL B 257 -17.20 -2.24 -5.24
N HIS B 258 -18.39 -1.99 -5.77
CA HIS B 258 -19.59 -1.85 -4.93
C HIS B 258 -20.13 -3.17 -4.45
N THR B 259 -20.03 -4.23 -5.25
CA THR B 259 -20.59 -5.52 -4.89
CA THR B 259 -20.59 -5.54 -4.86
C THR B 259 -19.61 -6.41 -4.12
N GLU B 260 -18.31 -6.33 -4.45
CA GLU B 260 -17.33 -7.24 -3.87
C GLU B 260 -16.17 -6.52 -3.14
N GLY B 261 -16.14 -5.21 -3.23
CA GLY B 261 -15.11 -4.47 -2.54
C GLY B 261 -13.76 -4.41 -3.24
N ILE B 262 -13.63 -5.05 -4.41
CA ILE B 262 -12.37 -5.17 -5.14
C ILE B 262 -12.21 -3.96 -6.08
N PHE B 263 -11.10 -3.22 -5.87
CA PHE B 263 -10.83 -1.99 -6.61
C PHE B 263 -9.83 -2.26 -7.76
N ALA B 264 -10.41 -2.63 -8.91
CA ALA B 264 -9.64 -3.13 -10.06
C ALA B 264 -9.25 -2.10 -11.08
N GLY B 265 -8.19 -2.45 -11.83
CA GLY B 265 -7.78 -1.59 -12.92
C GLY B 265 -8.74 -1.65 -14.08
N ILE B 266 -8.44 -0.74 -15.04
CA ILE B 266 -9.37 -0.50 -16.17
C ILE B 266 -9.48 -1.74 -17.14
N SER B 267 -8.43 -2.55 -17.27
CA SER B 267 -8.59 -3.74 -18.14
C SER B 267 -9.57 -4.73 -17.52
N THR B 268 -9.72 -4.73 -16.18
CA THR B 268 -10.55 -5.69 -15.52
C THR B 268 -12.02 -5.47 -15.85
N GLY B 269 -12.37 -4.24 -16.19
CA GLY B 269 -13.77 -4.04 -16.60
C GLY B 269 -14.15 -4.89 -17.81
N ALA B 270 -13.22 -5.00 -18.76
CA ALA B 270 -13.46 -5.89 -19.93
C ALA B 270 -13.50 -7.30 -19.52
N VAL B 271 -12.57 -7.72 -18.64
CA VAL B 271 -12.54 -9.10 -18.19
C VAL B 271 -13.84 -9.45 -17.46
N LEU B 272 -14.32 -8.57 -16.56
CA LEU B 272 -15.54 -8.89 -15.82
CA LEU B 272 -15.55 -8.84 -15.81
C LEU B 272 -16.74 -8.90 -16.77
N HIS B 273 -16.76 -7.98 -17.74
CA HIS B 273 -17.88 -7.98 -18.69
C HIS B 273 -17.94 -9.36 -19.41
N ALA B 274 -16.80 -9.84 -19.92
CA ALA B 274 -16.77 -11.17 -20.52
C ALA B 274 -17.18 -12.28 -19.55
N ALA B 275 -16.62 -12.25 -18.32
CA ALA B 275 -16.91 -13.31 -17.38
C ALA B 275 -18.37 -13.35 -16.99
N LEU B 276 -19.01 -12.17 -16.91
CA LEU B 276 -20.46 -12.12 -16.65
C LEU B 276 -21.25 -12.66 -17.84
N GLY B 277 -20.76 -12.43 -19.07
CA GLY B 277 -21.41 -12.98 -20.27
C GLY B 277 -21.30 -14.49 -20.20
N VAL B 278 -20.12 -15.00 -19.89
CA VAL B 278 -19.93 -16.45 -19.83
C VAL B 278 -20.83 -17.03 -18.72
N GLY B 279 -20.89 -16.35 -17.58
CA GLY B 279 -21.69 -16.85 -16.45
C GLY B 279 -23.19 -16.85 -16.75
N ALA B 280 -23.67 -15.77 -17.38
CA ALA B 280 -25.09 -15.68 -17.81
C ALA B 280 -25.41 -16.83 -18.74
N GLY B 281 -24.46 -17.17 -19.63
CA GLY B 281 -24.64 -18.32 -20.54
C GLY B 281 -24.77 -19.64 -19.76
N ALA B 282 -23.89 -19.89 -18.79
CA ALA B 282 -23.91 -21.15 -18.09
C ALA B 282 -25.20 -21.24 -17.28
N LEU B 283 -25.62 -20.15 -16.69
CA LEU B 283 -26.84 -20.18 -15.89
C LEU B 283 -28.03 -20.55 -16.79
N ALA B 284 -28.13 -19.90 -17.95
CA ALA B 284 -29.27 -20.15 -18.87
C ALA B 284 -29.20 -21.57 -19.42
N ALA B 285 -28.02 -22.18 -19.42
CA ALA B 285 -27.81 -23.52 -19.99
C ALA B 285 -27.97 -24.62 -18.94
N GLY B 286 -28.22 -24.20 -17.71
CA GLY B 286 -28.38 -25.18 -16.60
C GLY B 286 -27.08 -25.87 -16.27
N GLU B 287 -25.93 -25.21 -16.54
CA GLU B 287 -24.64 -25.87 -16.35
C GLU B 287 -23.93 -25.37 -15.09
N ARG B 288 -23.14 -26.26 -14.54
CA ARG B 288 -22.25 -25.90 -13.43
C ARG B 288 -21.09 -25.14 -14.07
N ALA B 289 -20.72 -24.00 -13.47
CA ALA B 289 -19.54 -23.29 -13.98
C ALA B 289 -18.70 -22.80 -12.80
N ASP B 290 -17.38 -22.84 -13.00
CA ASP B 290 -16.39 -22.24 -12.05
C ASP B 290 -15.44 -21.48 -12.94
N ILE B 291 -15.71 -20.16 -12.98
CA ILE B 291 -15.10 -19.29 -13.99
C ILE B 291 -14.00 -18.46 -13.27
N ALA B 292 -12.74 -18.70 -13.63
CA ALA B 292 -11.62 -17.90 -13.07
C ALA B 292 -11.38 -16.73 -13.99
N LEU B 293 -11.27 -15.54 -13.40
CA LEU B 293 -11.01 -14.34 -14.20
C LEU B 293 -9.84 -13.56 -13.62
N VAL B 294 -9.02 -12.97 -14.51
CA VAL B 294 -7.83 -12.26 -14.03
C VAL B 294 -8.15 -10.82 -13.67
N VAL B 295 -7.70 -10.36 -12.49
CA VAL B 295 -7.66 -8.92 -12.16
C VAL B 295 -6.16 -8.55 -12.33
N ALA B 296 -5.80 -8.01 -13.48
CA ALA B 296 -4.36 -7.93 -13.80
C ALA B 296 -3.67 -6.81 -13.02
N ASP B 297 -4.42 -5.76 -12.63
CA ASP B 297 -3.91 -4.70 -11.78
C ASP B 297 -5.05 -4.04 -11.03
N ALA B 298 -4.69 -3.23 -10.05
CA ALA B 298 -5.72 -2.56 -9.24
C ALA B 298 -6.01 -1.17 -9.80
N GLY B 299 -7.02 -0.52 -9.20
CA GLY B 299 -7.45 0.77 -9.68
C GLY B 299 -6.46 1.92 -9.42
N TRP B 300 -5.47 1.66 -8.55
CA TRP B 300 -4.68 2.75 -7.98
C TRP B 300 -4.02 3.65 -8.99
N LYS B 301 -3.37 3.08 -10.02
CA LYS B 301 -2.65 3.96 -10.94
C LYS B 301 -3.58 4.74 -11.87
N TYR B 302 -4.89 4.39 -11.90
CA TYR B 302 -5.83 5.04 -12.82
C TYR B 302 -6.57 6.17 -12.06
N LEU B 303 -6.33 6.34 -10.77
CA LEU B 303 -7.08 7.42 -10.04
C LEU B 303 -6.78 8.81 -10.60
N SER B 304 -5.59 9.03 -11.21
CA SER B 304 -5.24 10.39 -11.69
C SER B 304 -5.62 10.59 -13.14
N THR B 305 -6.23 9.59 -13.76
CA THR B 305 -6.48 9.59 -15.20
C THR B 305 -7.84 10.00 -15.65
N GLY B 306 -8.74 10.25 -14.70
CA GLY B 306 -10.09 10.57 -15.09
C GLY B 306 -10.99 9.35 -15.14
N ALA B 307 -10.45 8.14 -14.94
CA ALA B 307 -11.20 6.91 -15.08
C ALA B 307 -12.38 6.76 -14.10
N TYR B 308 -12.26 7.47 -12.97
CA TYR B 308 -13.32 7.57 -11.92
C TYR B 308 -14.17 8.83 -11.98
N ALA B 309 -14.24 9.49 -13.10
CA ALA B 309 -15.18 10.63 -13.25
C ALA B 309 -16.59 10.16 -12.87
N GLY B 310 -17.43 11.12 -12.47
CA GLY B 310 -18.82 10.86 -12.13
C GLY B 310 -19.56 10.42 -13.35
N SER B 311 -19.41 11.16 -14.45
CA SER B 311 -20.09 10.86 -15.69
C SER B 311 -19.45 9.64 -16.33
N LEU B 312 -20.22 8.56 -16.47
CA LEU B 312 -19.81 7.46 -17.32
C LEU B 312 -19.38 8.02 -18.70
N ASP B 313 -20.02 9.09 -19.17
CA ASP B 313 -19.54 9.72 -20.41
C ASP B 313 -18.13 10.25 -20.31
N ASP B 314 -17.84 10.97 -19.22
CA ASP B 314 -16.47 11.49 -19.00
C ASP B 314 -15.49 10.34 -18.69
N ALA B 315 -15.95 9.35 -17.95
CA ALA B 315 -15.11 8.14 -17.72
C ALA B 315 -14.75 7.48 -19.05
N GLU B 316 -15.73 7.34 -19.96
CA GLU B 316 -15.48 6.83 -21.34
C GLU B 316 -14.38 7.57 -22.09
N THR B 317 -14.51 8.88 -22.15
CA THR B 317 -13.51 9.73 -22.77
C THR B 317 -12.11 9.51 -22.17
N ALA B 318 -12.06 9.37 -20.85
CA ALA B 318 -10.82 9.06 -20.15
C ALA B 318 -10.25 7.71 -20.55
N LEU B 319 -11.07 6.64 -20.59
CA LEU B 319 -10.51 5.32 -20.91
C LEU B 319 -10.04 5.27 -22.37
N GLU B 320 -10.78 5.95 -23.25
CA GLU B 320 -10.34 6.00 -24.64
C GLU B 320 -9.01 6.72 -24.81
N GLY B 321 -8.77 7.74 -24.00
CA GLY B 321 -7.51 8.48 -24.12
C GLY B 321 -6.31 8.00 -23.32
N GLN B 322 -6.31 6.75 -22.82
CA GLN B 322 -5.18 6.26 -22.02
C GLN B 322 -4.85 4.79 -22.23
N LEU B 323 -3.67 4.40 -21.80
CA LEU B 323 -3.19 3.01 -21.83
C LEU B 323 -3.76 2.16 -20.67
N TRP B 324 -4.19 0.93 -20.97
CA TRP B 324 -4.73 0.04 -19.91
C TRP B 324 -3.78 -1.05 -19.45
N ALA B 325 -2.54 -0.96 -19.91
CA ALA B 325 -1.51 -1.86 -19.50
C ALA B 325 -0.18 -1.09 -19.55
N ASN C 2 25.38 24.42 23.04
CA ASN C 2 24.23 25.15 22.40
C ASN C 2 23.37 24.20 21.56
N VAL C 3 22.06 24.37 21.68
CA VAL C 3 21.12 23.53 20.97
C VAL C 3 20.09 24.40 20.31
N THR C 4 19.44 23.84 19.30
CA THR C 4 18.42 24.56 18.58
C THR C 4 17.06 23.98 18.99
N VAL C 5 16.17 24.84 19.45
CA VAL C 5 14.86 24.42 19.98
C VAL C 5 13.72 24.86 19.05
N SER C 6 12.91 23.91 18.59
CA SER C 6 11.78 24.24 17.73
C SER C 6 10.58 24.50 18.61
N ILE C 7 9.98 25.69 18.42
CA ILE C 7 8.90 26.13 19.23
C ILE C 7 7.58 26.05 18.43
N PRO C 8 6.61 25.29 18.94
CA PRO C 8 5.36 25.14 18.22
C PRO C 8 4.58 26.45 18.26
N THR C 9 3.64 26.60 17.35
CA THR C 9 2.90 27.86 17.23
CA THR C 9 2.90 27.88 17.23
C THR C 9 2.26 28.32 18.53
N ILE C 10 1.69 27.38 19.29
CA ILE C 10 1.00 27.70 20.52
C ILE C 10 1.90 28.35 21.60
N LEU C 11 3.20 28.11 21.53
CA LEU C 11 4.11 28.67 22.54
C LEU C 11 4.90 29.88 22.08
N ARG C 12 4.70 30.26 20.81
CA ARG C 12 5.47 31.37 20.25
C ARG C 12 5.19 32.76 20.86
N PRO C 13 4.04 32.95 21.50
CA PRO C 13 3.91 34.22 22.24
C PRO C 13 4.94 34.38 23.35
N HIS C 14 5.57 33.29 23.77
CA HIS C 14 6.62 33.40 24.80
C HIS C 14 7.97 33.72 24.23
N THR C 15 8.14 33.47 22.94
CA THR C 15 9.41 33.64 22.30
C THR C 15 9.39 34.80 21.30
N GLY C 16 8.52 35.78 21.53
CA GLY C 16 8.43 36.91 20.60
C GLY C 16 8.06 36.51 19.19
N GLY C 17 7.34 35.43 19.07
CA GLY C 17 6.98 34.89 17.79
C GLY C 17 7.96 34.01 17.06
N GLN C 18 9.12 33.78 17.64
CA GLN C 18 10.17 33.04 16.97
C GLN C 18 9.89 31.53 17.00
N LYS C 19 10.12 30.87 15.88
CA LYS C 19 9.81 29.47 15.76
C LYS C 19 10.94 28.58 16.14
N SER C 20 12.14 29.14 16.17
CA SER C 20 13.34 28.42 16.51
C SER C 20 14.31 29.30 17.29
N VAL C 21 14.76 28.82 18.43
CA VAL C 21 15.58 29.63 19.31
C VAL C 21 16.73 28.82 19.80
N SER C 22 17.83 29.48 20.17
CA SER C 22 18.96 28.79 20.76
C SER C 22 18.75 28.66 22.24
N ALA C 23 19.37 27.63 22.79
CA ALA C 23 19.34 27.40 24.23
C ALA C 23 20.62 26.68 24.56
N SER C 24 20.97 26.69 25.84
CA SER C 24 22.12 25.92 26.29
C SER C 24 21.73 25.07 27.49
N GLY C 25 22.37 23.91 27.59
CA GLY C 25 22.19 23.09 28.76
C GLY C 25 22.56 21.66 28.45
N ASP C 26 22.98 20.94 29.48
CA ASP C 26 23.46 19.60 29.21
C ASP C 26 22.45 18.51 29.47
N THR C 27 21.24 18.93 29.88
CA THR C 27 20.08 18.04 30.01
C THR C 27 18.84 18.80 29.48
N LEU C 28 17.78 18.07 29.16
CA LEU C 28 16.52 18.75 28.84
C LEU C 28 16.07 19.75 29.90
N GLY C 29 16.17 19.35 31.17
CA GLY C 29 15.79 20.29 32.25
C GLY C 29 16.63 21.57 32.21
N ALA C 30 17.93 21.45 31.88
CA ALA C 30 18.83 22.61 31.73
C ALA C 30 18.42 23.48 30.54
N VAL C 31 18.02 22.80 29.46
CA VAL C 31 17.56 23.61 28.32
C VAL C 31 16.27 24.35 28.66
N ILE C 32 15.34 23.69 29.36
CA ILE C 32 14.11 24.31 29.79
C ILE C 32 14.39 25.48 30.74
N SER C 33 15.40 25.30 31.60
CA SER C 33 15.78 26.40 32.53
C SER C 33 16.29 27.62 31.79
N ASP C 34 17.12 27.37 30.79
CA ASP C 34 17.72 28.40 29.95
C ASP C 34 16.61 29.07 29.15
N LEU C 35 15.67 28.26 28.64
CA LEU C 35 14.55 28.83 27.87
C LEU C 35 13.75 29.78 28.75
N GLU C 36 13.44 29.34 29.97
CA GLU C 36 12.77 30.21 30.94
C GLU C 36 13.52 31.51 31.23
N ALA C 37 14.85 31.43 31.33
CA ALA C 37 15.68 32.66 31.57
C ALA C 37 15.47 33.67 30.45
N ASN C 38 15.33 33.18 29.21
CA ASN C 38 15.23 34.10 28.06
C ASN C 38 13.79 34.41 27.65
N TYR C 39 12.86 33.53 28.03
CA TYR C 39 11.47 33.54 27.52
C TYR C 39 10.49 33.24 28.65
N SER C 40 10.34 34.24 29.52
CA SER C 40 9.57 34.12 30.73
C SER C 40 8.22 33.46 30.49
N GLY C 41 7.89 32.50 31.36
CA GLY C 41 6.57 31.86 31.36
C GLY C 41 6.54 30.58 30.55
N ILE C 42 7.59 30.31 29.79
CA ILE C 42 7.53 29.18 28.86
C ILE C 42 7.57 27.87 29.65
N SER C 43 8.40 27.77 30.69
CA SER C 43 8.53 26.48 31.38
C SER C 43 7.24 26.00 32.02
N GLU C 44 6.47 26.92 32.60
CA GLU C 44 5.20 26.58 33.19
C GLU C 44 4.22 25.94 32.18
N ARG C 45 4.33 26.35 30.91
CA ARG C 45 3.52 25.77 29.85
C ARG C 45 3.89 24.34 29.47
N LEU C 46 5.14 23.97 29.76
CA LEU C 46 5.65 22.63 29.46
C LEU C 46 5.37 21.63 30.56
N MET C 47 5.18 22.14 31.79
CA MET C 47 5.12 21.25 32.96
C MET C 47 3.69 20.96 33.41
N ASP C 48 3.46 19.85 34.08
CA ASP C 48 2.14 19.47 34.55
C ASP C 48 1.79 20.31 35.80
N PRO C 49 0.73 21.14 35.71
CA PRO C 49 0.41 22.04 36.83
C PRO C 49 0.03 21.26 38.10
N SER C 50 -0.39 20.01 37.93
CA SER C 50 -0.83 19.15 39.04
C SER C 50 0.22 18.13 39.46
N SER C 51 1.21 17.84 38.61
CA SER C 51 2.34 16.98 39.00
C SER C 51 3.65 17.70 38.70
N PRO C 52 4.02 18.66 39.58
CA PRO C 52 5.22 19.44 39.34
C PRO C 52 6.44 18.53 39.19
N GLY C 53 7.36 18.95 38.34
CA GLY C 53 8.55 18.21 38.05
C GLY C 53 8.38 17.27 36.88
N LYS C 54 7.15 17.12 36.38
CA LYS C 54 6.87 16.26 35.22
C LYS C 54 6.36 17.13 34.06
N LEU C 55 6.62 16.68 32.84
CA LEU C 55 6.01 17.32 31.65
C LEU C 55 4.50 17.19 31.65
N HIS C 56 3.85 18.18 31.04
CA HIS C 56 2.42 18.25 30.82
C HIS C 56 2.07 17.04 29.98
N ARG C 57 0.95 16.40 30.32
CA ARG C 57 0.46 15.21 29.61
C ARG C 57 0.35 15.42 28.09
N PHE C 58 0.07 16.65 27.70
CA PHE C 58 -0.16 16.93 26.27
C PHE C 58 1.02 17.64 25.61
N VAL C 59 2.17 17.60 26.24
CA VAL C 59 3.39 18.11 25.59
C VAL C 59 4.30 16.94 25.33
N ASN C 60 4.86 16.91 24.13
CA ASN C 60 5.89 15.95 23.74
C ASN C 60 7.16 16.66 23.42
N ILE C 61 8.26 16.13 23.94
CA ILE C 61 9.56 16.70 23.62
C ILE C 61 10.53 15.63 23.14
N TYR C 62 11.30 15.98 22.09
CA TYR C 62 12.24 15.07 21.47
C TYR C 62 13.64 15.70 21.39
N VAL C 63 14.65 14.91 21.70
CA VAL C 63 16.04 15.35 21.56
C VAL C 63 16.58 14.50 20.42
N ASN C 64 17.09 15.15 19.37
CA ASN C 64 17.51 14.45 18.12
C ASN C 64 16.49 13.36 17.68
N ASP C 65 15.23 13.79 17.74
CA ASP C 65 14.11 12.96 17.29
C ASP C 65 13.66 11.86 18.23
N GLU C 66 14.28 11.75 19.42
CA GLU C 66 13.93 10.72 20.37
C GLU C 66 13.13 11.26 21.53
N ASP C 67 11.98 10.67 21.78
CA ASP C 67 11.05 11.10 22.80
C ASP C 67 11.71 10.98 24.18
N VAL C 68 11.85 12.11 24.85
CA VAL C 68 12.45 12.11 26.21
C VAL C 68 11.72 11.26 27.19
N ARG C 69 10.44 10.93 27.00
CA ARG C 69 9.79 10.02 28.00
C ARG C 69 10.45 8.65 28.13
N PHE C 70 11.28 8.30 27.18
CA PHE C 70 11.92 6.98 27.14
C PHE C 70 13.41 7.07 27.34
N SER C 71 13.93 8.26 27.68
CA SER C 71 15.40 8.43 27.76
C SER C 71 15.79 9.17 29.05
N GLY C 72 14.86 9.23 29.99
CA GLY C 72 15.12 9.87 31.29
C GLY C 72 14.38 11.16 31.56
N GLY C 73 13.45 11.52 30.67
CA GLY C 73 12.67 12.73 30.92
C GLY C 73 13.53 13.98 30.90
N LEU C 74 13.35 14.81 31.93
CA LEU C 74 14.12 16.06 32.03
C LEU C 74 15.63 15.79 32.23
N ALA C 75 15.99 14.59 32.69
CA ALA C 75 17.39 14.22 32.81
C ALA C 75 18.08 13.76 31.54
N THR C 76 17.31 13.74 30.43
CA THR C 76 17.88 13.32 29.20
C THR C 76 19.08 14.16 28.81
N ALA C 77 20.21 13.52 28.50
CA ALA C 77 21.44 14.25 28.17
C ALA C 77 21.34 14.96 26.85
N ILE C 78 21.96 16.12 26.82
CA ILE C 78 21.93 16.97 25.65
C ILE C 78 23.37 17.38 25.35
N ALA C 79 23.73 17.34 24.07
CA ALA C 79 25.11 17.69 23.69
C ALA C 79 25.06 18.88 22.76
N ASP C 80 26.16 19.62 22.66
CA ASP C 80 26.28 20.69 21.69
C ASP C 80 25.86 20.24 20.27
N GLY C 81 25.11 21.08 19.57
CA GLY C 81 24.63 20.76 18.25
C GLY C 81 23.31 19.97 18.19
N ASP C 82 22.82 19.54 19.34
CA ASP C 82 21.57 18.75 19.34
C ASP C 82 20.37 19.63 18.96
N SER C 83 19.30 18.98 18.46
CA SER C 83 18.03 19.64 18.19
C SER C 83 17.08 19.18 19.28
N VAL C 84 16.28 20.12 19.72
CA VAL C 84 15.21 19.83 20.64
C VAL C 84 13.88 20.27 19.99
N THR C 85 12.88 19.35 19.95
CA THR C 85 11.61 19.64 19.29
C THR C 85 10.47 19.57 20.32
N ILE C 86 9.66 20.59 20.42
CA ILE C 86 8.54 20.62 21.32
C ILE C 86 7.24 20.61 20.51
N LEU C 87 6.34 19.70 20.84
CA LEU C 87 5.07 19.63 20.05
C LEU C 87 3.91 19.30 21.02
N PRO C 88 2.74 19.91 20.81
CA PRO C 88 1.55 19.48 21.55
C PRO C 88 1.09 18.11 21.02
N ALA C 89 0.37 17.41 21.86
CA ALA C 89 -0.12 16.06 21.52
C ALA C 89 -1.25 16.08 20.50
N VAL C 90 -0.92 15.63 19.28
CA VAL C 90 -1.89 15.51 18.19
C VAL C 90 -1.77 14.03 17.71
N ALA C 91 -2.90 13.34 17.83
CA ALA C 91 -3.02 11.94 17.36
C ALA C 91 -2.65 11.84 15.86
N GLY C 92 -1.74 10.92 15.57
CA GLY C 92 -1.14 10.74 14.22
C GLY C 92 0.13 11.55 13.94
N GLY C 93 0.35 12.60 14.75
CA GLY C 93 1.53 13.47 14.62
C GLY C 93 2.41 13.36 15.84
N1 PLP D . 0.59 4.39 8.93
C2 PLP D . -0.57 4.40 8.18
C2A PLP D . -0.52 4.54 6.70
C3 PLP D . -1.80 4.28 8.83
O3 PLP D . -2.96 4.29 8.10
C4 PLP D . -1.85 4.16 10.21
C4A PLP D . -3.17 3.94 10.90
C5 PLP D . -0.67 4.14 10.95
C6 PLP D . 0.55 4.26 10.29
C5A PLP D . -0.73 4.15 12.46
O4P PLP D . -1.26 2.93 12.91
P PLP D . -2.08 2.85 14.30
O1P PLP D . -3.34 3.66 14.14
O2P PLP D . -1.23 3.41 15.41
O3P PLP D . -2.43 1.41 14.60
N1 PLP E . -4.39 -5.98 -18.18
C2 PLP E . -3.27 -5.45 -17.58
C2A PLP E . -3.42 -4.51 -16.41
C3 PLP E . -2.01 -5.78 -18.04
O3 PLP E . -0.89 -5.29 -17.40
C4 PLP E . -1.86 -6.65 -19.11
C4A PLP E . -0.50 -7.01 -19.62
C5 PLP E . -3.00 -7.18 -19.72
C6 PLP E . -4.26 -6.84 -19.25
C5A PLP E . -2.86 -8.01 -20.97
O4P PLP E . -2.26 -9.25 -20.66
P PLP E . -1.31 -9.99 -21.71
O1P PLP E . -2.16 -10.43 -22.88
O2P PLP E . -0.67 -11.21 -21.06
O3P PLP E . -0.23 -9.05 -22.18
#